data_6DJD
#
_entry.id   6DJD
#
_cell.length_a   50.120
_cell.length_b   105.409
_cell.length_c   194.562
_cell.angle_alpha   90.00
_cell.angle_beta   90.00
_cell.angle_gamma   90.00
#
_symmetry.space_group_name_H-M   'P 21 21 21'
#
loop_
_entity.id
_entity.type
_entity.pdbx_description
1 polymer 'Tyrosyl-DNA phosphodiesterase 1'
2 non-polymer '4-hydroxyquinoline-3-carboxylic acid'
3 non-polymer 1,2-ETHANEDIOL
4 water water
#
_entity_poly.entity_id   1
_entity_poly.type   'polypeptide(L)'
_entity_poly.pdbx_seq_one_letter_code
;SGEGQDIWDMLDKGNPFQFYLTRVSGVKPKYNSGALHIKDILSPLFGTLVSSAQFNYCFDVDWLVKQYPPEFRKKPILLV
HGDKREAKAHLHAQAKPYENISLCQAKLDIAFGTHHTKMMLLLYEEGLRVVIHTSNLIHADWHQKTQGIWLSPLYPRIAD
GTHKSGESPTHFKADLISYLMAYNAPSLKEWIDVIHKHDLSETNVYLIGSTPGRFQGSQKDNWGHFRLKKLLKDHASSMP
NAESWPVVGQFSSVGSLGADESKWLCSEFKESMLTLGKESKTPGKSSVPLYLIYPSVENVRTSLEGYPAGGSLPYSIQTA
EKQNWLHSYFHKWSAETSGRSNAMPHIKTYMRPSPDFSKIAWFLVTSANLSKAAWGALEKNGTQLMIRSYELGVLFLPSA
FGLDSFKVKQKFFAGSQEPMATFPVPYDLPPELYGSKDRPWIWNIPYVKAPDTHGNMWVPS
;
_entity_poly.pdbx_strand_id   A,B
#
loop_
_chem_comp.id
_chem_comp.type
_chem_comp.name
_chem_comp.formula
EDO non-polymer 1,2-ETHANEDIOL 'C2 H6 O2'
GJP non-polymer '4-hydroxyquinoline-3-carboxylic acid' 'C10 H7 N O3'
#
# COMPACT_ATOMS: atom_id res chain seq x y z
N ASN A 15 11.97 -13.35 16.56
CA ASN A 15 11.90 -11.97 16.13
C ASN A 15 11.18 -11.83 14.79
N PRO A 16 10.38 -10.77 14.64
CA PRO A 16 9.79 -10.48 13.33
C PRO A 16 10.72 -9.75 12.38
N PHE A 17 11.87 -9.23 12.85
CA PHE A 17 12.59 -8.28 12.00
C PHE A 17 13.54 -8.94 11.02
N GLN A 18 14.15 -10.07 11.38
CA GLN A 18 15.03 -10.79 10.48
C GLN A 18 16.19 -9.91 10.02
N PHE A 19 16.70 -9.12 10.94
CA PHE A 19 17.88 -8.29 10.73
C PHE A 19 19.04 -8.95 11.45
N TYR A 20 20.10 -9.27 10.71
CA TYR A 20 21.25 -10.00 11.23
C TYR A 20 22.53 -9.21 10.99
N LEU A 21 23.56 -9.51 11.81
CA LEU A 21 24.93 -9.13 11.50
C LEU A 21 25.69 -10.33 10.94
N THR A 22 26.74 -10.05 10.16
CA THR A 22 27.64 -11.10 9.70
C THR A 22 28.51 -11.59 10.87
N ARG A 23 29.01 -12.81 10.73
N ARG A 23 29.00 -12.81 10.73
CA ARG A 23 29.90 -13.37 11.74
CA ARG A 23 29.93 -13.39 11.69
C ARG A 23 31.24 -12.65 11.72
C ARG A 23 31.24 -12.62 11.71
N VAL A 24 31.82 -12.45 12.91
CA VAL A 24 33.11 -11.77 13.07
C VAL A 24 34.11 -12.74 13.70
N SER A 25 35.20 -13.02 12.99
N SER A 25 35.19 -13.03 12.99
CA SER A 25 36.22 -13.90 13.53
CA SER A 25 36.24 -13.90 13.52
C SER A 25 37.01 -13.17 14.61
C SER A 25 37.01 -13.16 14.61
N GLY A 26 36.99 -13.70 15.82
CA GLY A 26 37.75 -13.14 16.94
C GLY A 26 36.92 -12.60 18.08
N VAL A 27 35.59 -12.55 18.00
CA VAL A 27 34.81 -12.20 19.17
C VAL A 27 34.39 -13.49 19.85
N LYS A 28 33.89 -13.38 21.08
CA LYS A 28 33.46 -14.57 21.80
C LYS A 28 32.22 -15.16 21.15
N PRO A 29 32.02 -16.49 21.29
CA PRO A 29 30.87 -17.13 20.62
C PRO A 29 29.51 -16.52 20.93
N LYS A 30 29.33 -15.94 22.12
CA LYS A 30 28.05 -15.30 22.42
C LYS A 30 27.76 -14.13 21.47
N TYR A 31 28.77 -13.54 20.86
CA TYR A 31 28.58 -12.45 19.91
C TYR A 31 28.42 -12.92 18.47
N ASN A 32 28.59 -14.21 18.21
CA ASN A 32 28.29 -14.77 16.89
C ASN A 32 27.06 -15.66 16.89
N SER A 33 26.46 -15.90 18.06
CA SER A 33 25.24 -16.68 18.13
C SER A 33 24.10 -15.82 17.57
N GLY A 34 23.55 -16.23 16.44
CA GLY A 34 22.56 -15.40 15.78
C GLY A 34 23.14 -14.49 14.72
N ALA A 35 24.45 -14.48 14.52
CA ALA A 35 25.02 -13.87 13.33
C ALA A 35 24.98 -14.88 12.21
N LEU A 36 25.20 -14.42 10.98
CA LEU A 36 25.17 -15.30 9.82
C LEU A 36 26.42 -15.09 8.97
N HIS A 37 27.05 -16.19 8.58
CA HIS A 37 28.09 -16.14 7.56
C HIS A 37 27.43 -16.44 6.22
N ILE A 38 28.13 -16.08 5.14
CA ILE A 38 27.57 -16.33 3.82
C ILE A 38 27.31 -17.83 3.61
N LYS A 39 28.16 -18.70 4.16
CA LYS A 39 27.92 -20.14 4.05
C LYS A 39 26.59 -20.53 4.71
N ASP A 40 26.23 -19.86 5.81
CA ASP A 40 24.93 -20.12 6.44
C ASP A 40 23.77 -19.71 5.53
N ILE A 41 23.88 -18.54 4.88
CA ILE A 41 22.82 -18.05 4.01
C ILE A 41 22.60 -18.99 2.83
N LEU A 42 23.68 -19.52 2.25
CA LEU A 42 23.58 -20.38 1.07
C LEU A 42 23.37 -21.85 1.39
N SER A 43 23.27 -22.20 2.68
CA SER A 43 23.21 -23.58 3.10
C SER A 43 21.92 -24.26 2.61
N PRO A 44 21.96 -25.58 2.39
N PRO A 44 21.96 -25.58 2.39
CA PRO A 44 20.72 -26.28 2.01
CA PRO A 44 20.72 -26.28 2.01
C PRO A 44 19.64 -26.20 3.07
C PRO A 44 19.64 -26.20 3.07
N LEU A 45 20.00 -25.88 4.31
CA LEU A 45 18.99 -25.66 5.34
C LEU A 45 18.07 -24.50 4.98
N PHE A 46 18.55 -23.53 4.18
CA PHE A 46 17.73 -22.38 3.81
C PHE A 46 16.84 -22.66 2.61
N GLY A 47 17.08 -23.74 1.89
CA GLY A 47 16.33 -24.05 0.68
C GLY A 47 17.21 -24.78 -0.30
N THR A 48 16.56 -25.52 -1.21
CA THR A 48 17.28 -26.32 -2.21
C THR A 48 17.49 -25.48 -3.45
N LEU A 49 18.72 -25.00 -3.65
CA LEU A 49 19.00 -23.98 -4.64
C LEU A 49 18.80 -24.50 -6.07
N VAL A 50 18.12 -23.71 -6.89
CA VAL A 50 17.97 -23.94 -8.32
C VAL A 50 18.80 -22.96 -9.13
N SER A 51 18.86 -21.70 -8.70
N SER A 51 18.87 -21.70 -8.69
CA SER A 51 19.64 -20.67 -9.36
CA SER A 51 19.49 -20.60 -9.43
C SER A 51 19.69 -19.48 -8.43
C SER A 51 19.61 -19.42 -8.47
N SER A 52 20.61 -18.56 -8.72
CA SER A 52 20.79 -17.42 -7.85
C SER A 52 21.31 -16.23 -8.66
N ALA A 53 21.02 -15.02 -8.17
CA ALA A 53 21.59 -13.81 -8.72
C ALA A 53 22.31 -13.10 -7.59
N GLN A 54 23.54 -12.67 -7.85
CA GLN A 54 24.37 -11.94 -6.90
C GLN A 54 24.59 -10.53 -7.42
N PHE A 55 23.85 -9.56 -6.87
CA PHE A 55 24.08 -8.15 -7.13
C PHE A 55 25.17 -7.65 -6.18
N ASN A 56 26.20 -7.00 -6.71
CA ASN A 56 27.22 -6.49 -5.82
C ASN A 56 28.10 -5.48 -6.55
N TYR A 57 29.11 -5.02 -5.83
CA TYR A 57 30.09 -4.07 -6.35
C TYR A 57 31.41 -4.77 -6.65
N CYS A 58 32.01 -5.42 -5.66
N CYS A 58 31.99 -5.46 -5.67
CA CYS A 58 33.26 -6.15 -5.79
CA CYS A 58 33.26 -6.13 -5.81
C CYS A 58 32.99 -7.65 -5.69
C CYS A 58 33.08 -7.64 -5.61
N PHE A 59 33.71 -8.43 -6.49
CA PHE A 59 33.56 -9.88 -6.49
C PHE A 59 34.93 -10.56 -6.50
N ASP A 60 35.06 -11.61 -5.69
CA ASP A 60 36.13 -12.61 -5.83
C ASP A 60 35.41 -13.90 -6.21
N VAL A 61 35.42 -14.24 -7.49
CA VAL A 61 34.55 -15.30 -8.00
C VAL A 61 34.99 -16.66 -7.46
N ASP A 62 36.30 -16.92 -7.40
CA ASP A 62 36.78 -18.17 -6.82
C ASP A 62 36.29 -18.33 -5.40
N TRP A 63 36.43 -17.28 -4.58
CA TRP A 63 35.94 -17.34 -3.21
C TRP A 63 34.43 -17.55 -3.18
N LEU A 64 33.71 -16.82 -4.03
CA LEU A 64 32.25 -16.87 -4.00
C LEU A 64 31.73 -18.28 -4.26
N VAL A 65 32.28 -18.96 -5.27
CA VAL A 65 31.74 -20.29 -5.58
C VAL A 65 31.99 -21.24 -4.42
N LYS A 66 33.14 -21.08 -3.73
CA LYS A 66 33.42 -21.90 -2.56
C LYS A 66 32.42 -21.69 -1.41
N GLN A 67 31.66 -20.58 -1.40
CA GLN A 67 30.71 -20.37 -0.31
C GLN A 67 29.39 -21.10 -0.51
N TYR A 68 29.10 -21.51 -1.73
CA TYR A 68 27.92 -22.32 -2.00
C TYR A 68 28.19 -23.76 -1.56
N PRO A 69 27.18 -24.49 -1.11
CA PRO A 69 27.40 -25.89 -0.76
C PRO A 69 27.91 -26.66 -1.97
N PRO A 70 28.77 -27.66 -1.75
CA PRO A 70 29.34 -28.40 -2.89
C PRO A 70 28.29 -28.85 -3.90
N GLU A 71 27.17 -29.36 -3.41
CA GLU A 71 26.13 -29.87 -4.30
C GLU A 71 25.41 -28.78 -5.08
N PHE A 72 25.58 -27.51 -4.72
CA PHE A 72 24.93 -26.41 -5.44
C PHE A 72 25.90 -25.61 -6.32
N ARG A 73 27.17 -25.99 -6.41
CA ARG A 73 28.16 -25.09 -7.01
C ARG A 73 28.09 -25.03 -8.53
N LYS A 74 27.32 -25.89 -9.19
CA LYS A 74 27.16 -25.81 -10.62
C LYS A 74 25.77 -25.31 -11.03
N LYS A 75 24.93 -24.95 -10.08
CA LYS A 75 23.68 -24.29 -10.42
C LYS A 75 23.97 -22.92 -11.02
N PRO A 76 23.11 -22.41 -11.89
CA PRO A 76 23.35 -21.11 -12.52
C PRO A 76 23.49 -19.98 -11.50
N ILE A 77 24.46 -19.10 -11.76
CA ILE A 77 24.69 -17.87 -10.98
C ILE A 77 24.78 -16.69 -11.95
N LEU A 78 24.03 -15.63 -11.67
CA LEU A 78 24.16 -14.37 -12.40
C LEU A 78 24.87 -13.34 -11.52
N LEU A 79 25.96 -12.76 -12.01
CA LEU A 79 26.64 -11.66 -11.33
C LEU A 79 26.18 -10.35 -11.93
N VAL A 80 25.57 -9.49 -11.11
CA VAL A 80 25.12 -8.17 -11.55
C VAL A 80 26.09 -7.13 -11.01
N HIS A 81 26.76 -6.41 -11.91
CA HIS A 81 27.90 -5.57 -11.56
C HIS A 81 27.82 -4.28 -12.37
N GLY A 82 28.74 -3.35 -12.09
CA GLY A 82 28.75 -2.10 -12.83
C GLY A 82 30.07 -1.81 -13.55
N ASP A 83 30.93 -2.81 -13.66
CA ASP A 83 32.29 -2.59 -14.15
C ASP A 83 32.32 -2.32 -15.66
N LYS A 84 33.29 -1.50 -16.08
CA LYS A 84 33.48 -1.14 -17.48
C LYS A 84 34.93 -1.43 -17.89
N ARG A 85 35.15 -1.52 -19.21
CA ARG A 85 36.49 -1.49 -19.81
C ARG A 85 37.37 -2.57 -19.17
N GLU A 86 38.58 -2.24 -18.67
CA GLU A 86 39.49 -3.27 -18.21
C GLU A 86 38.99 -3.96 -16.93
N ALA A 87 38.34 -3.20 -16.04
CA ALA A 87 37.70 -3.82 -14.88
C ALA A 87 36.67 -4.85 -15.32
N LYS A 88 35.87 -4.51 -16.34
CA LYS A 88 34.90 -5.47 -16.86
C LYS A 88 35.60 -6.70 -17.44
N ALA A 89 36.68 -6.48 -18.19
CA ALA A 89 37.46 -7.61 -18.71
C ALA A 89 37.96 -8.49 -17.58
N HIS A 90 38.49 -7.88 -16.52
CA HIS A 90 38.99 -8.66 -15.39
C HIS A 90 37.90 -9.52 -14.78
N LEU A 91 36.69 -8.96 -14.60
CA LEU A 91 35.61 -9.74 -13.99
C LEU A 91 35.22 -10.92 -14.87
N HIS A 92 35.08 -10.68 -16.18
CA HIS A 92 34.77 -11.79 -17.08
C HIS A 92 35.86 -12.86 -17.00
N ALA A 93 37.13 -12.44 -16.91
CA ALA A 93 38.21 -13.42 -16.81
C ALA A 93 38.10 -14.24 -15.53
N GLN A 94 37.65 -13.60 -14.44
CA GLN A 94 37.48 -14.33 -13.19
C GLN A 94 36.45 -15.42 -13.33
N ALA A 95 35.38 -15.18 -14.10
CA ALA A 95 34.25 -16.08 -14.12
C ALA A 95 34.31 -17.10 -15.25
N LYS A 96 35.11 -16.86 -16.29
CA LYS A 96 35.17 -17.78 -17.41
C LYS A 96 35.44 -19.23 -17.02
N PRO A 97 36.28 -19.55 -16.03
CA PRO A 97 36.43 -20.95 -15.63
C PRO A 97 35.14 -21.63 -15.21
N TYR A 98 34.09 -20.89 -14.85
CA TYR A 98 32.85 -21.46 -14.32
C TYR A 98 31.76 -21.33 -15.39
N GLU A 99 31.45 -22.45 -16.05
CA GLU A 99 30.50 -22.44 -17.15
C GLU A 99 29.10 -22.02 -16.73
N ASN A 100 28.76 -22.14 -15.45
CA ASN A 100 27.42 -21.84 -14.96
C ASN A 100 27.20 -20.39 -14.57
N ILE A 101 28.21 -19.53 -14.73
CA ILE A 101 28.13 -18.14 -14.28
C ILE A 101 27.92 -17.25 -15.49
N SER A 102 26.87 -16.43 -15.43
CA SER A 102 26.58 -15.37 -16.39
C SER A 102 26.74 -14.02 -15.71
N LEU A 103 26.91 -12.97 -16.51
CA LEU A 103 27.14 -11.64 -15.98
C LEU A 103 26.18 -10.65 -16.62
N CYS A 104 25.81 -9.64 -15.83
CA CYS A 104 24.95 -8.57 -16.27
C CYS A 104 25.61 -7.26 -15.89
N GLN A 105 25.96 -6.46 -16.89
CA GLN A 105 26.60 -5.17 -16.66
C GLN A 105 25.52 -4.10 -16.52
N ALA A 106 25.33 -3.60 -15.31
CA ALA A 106 24.34 -2.56 -15.08
C ALA A 106 24.78 -1.27 -15.78
N LYS A 107 23.89 -0.68 -16.58
CA LYS A 107 24.25 0.56 -17.24
C LYS A 107 24.46 1.69 -16.24
N LEU A 108 25.49 2.49 -16.47
CA LEU A 108 25.84 3.62 -15.60
C LEU A 108 26.06 4.82 -16.52
N ASP A 109 24.97 5.40 -17.01
CA ASP A 109 25.03 6.46 -18.02
C ASP A 109 25.26 7.84 -17.44
N ILE A 110 25.47 7.96 -16.13
CA ILE A 110 25.80 9.24 -15.51
C ILE A 110 27.19 9.10 -14.91
N ALA A 111 28.02 10.13 -15.11
CA ALA A 111 29.41 10.06 -14.67
C ALA A 111 29.50 9.86 -13.16
N PHE A 112 30.55 9.16 -12.74
CA PHE A 112 30.90 8.96 -11.34
C PHE A 112 29.86 8.12 -10.60
N GLY A 113 29.02 7.41 -11.32
CA GLY A 113 28.10 6.49 -10.69
C GLY A 113 28.70 5.10 -10.56
N THR A 114 28.14 4.33 -9.62
CA THR A 114 28.63 2.99 -9.34
C THR A 114 27.43 2.09 -9.10
N HIS A 115 27.66 0.79 -9.17
CA HIS A 115 26.63 -0.20 -8.83
C HIS A 115 26.96 -0.76 -7.43
N HIS A 116 26.33 -0.18 -6.41
CA HIS A 116 26.65 -0.49 -5.02
C HIS A 116 25.68 -1.47 -4.37
N THR A 117 24.50 -1.69 -4.96
CA THR A 117 23.49 -2.58 -4.39
C THR A 117 24.05 -3.95 -4.08
N LYS A 118 23.76 -4.45 -2.87
CA LYS A 118 24.17 -5.79 -2.43
C LYS A 118 22.91 -6.61 -2.13
N MET A 119 22.63 -7.57 -3.02
CA MET A 119 21.38 -8.32 -2.96
C MET A 119 21.60 -9.71 -3.53
N MET A 120 21.00 -10.72 -2.88
CA MET A 120 20.92 -12.07 -3.43
C MET A 120 19.47 -12.39 -3.75
N LEU A 121 19.23 -12.89 -4.95
CA LEU A 121 17.97 -13.55 -5.27
C LEU A 121 18.26 -15.05 -5.31
N LEU A 122 17.56 -15.80 -4.48
CA LEU A 122 17.82 -17.23 -4.30
C LEU A 122 16.56 -17.98 -4.67
N LEU A 123 16.56 -18.64 -5.84
CA LEU A 123 15.42 -19.43 -6.30
C LEU A 123 15.61 -20.87 -5.85
N TYR A 124 14.63 -21.39 -5.11
CA TYR A 124 14.69 -22.76 -4.60
C TYR A 124 13.65 -23.64 -5.28
N GLU A 125 13.82 -24.94 -5.07
CA GLU A 125 12.74 -25.90 -5.25
C GLU A 125 11.49 -25.50 -4.47
N GLU A 126 11.69 -24.99 -3.25
CA GLU A 126 10.61 -24.76 -2.31
C GLU A 126 10.02 -23.34 -2.38
N GLY A 127 10.60 -22.45 -3.17
CA GLY A 127 10.16 -21.07 -3.17
C GLY A 127 11.29 -20.13 -3.58
N LEU A 128 11.21 -18.89 -3.07
CA LEU A 128 12.13 -17.82 -3.43
C LEU A 128 12.51 -17.08 -2.16
N ARG A 129 13.79 -16.70 -2.05
CA ARG A 129 14.23 -15.83 -0.95
C ARG A 129 14.97 -14.62 -1.51
N VAL A 130 14.81 -13.48 -0.86
CA VAL A 130 15.51 -12.25 -1.19
C VAL A 130 16.38 -11.88 0.00
N VAL A 131 17.65 -11.55 -0.25
CA VAL A 131 18.58 -11.13 0.79
C VAL A 131 19.14 -9.77 0.40
N ILE A 132 18.93 -8.76 1.24
CA ILE A 132 19.48 -7.44 1.00
C ILE A 132 20.48 -7.15 2.12
N HIS A 133 21.70 -6.80 1.76
CA HIS A 133 22.78 -6.81 2.75
C HIS A 133 23.79 -5.72 2.38
N THR A 134 24.95 -5.72 3.07
CA THR A 134 25.91 -4.62 2.90
C THR A 134 27.32 -5.07 2.52
N SER A 135 27.56 -6.36 2.31
CA SER A 135 28.91 -6.87 2.12
C SER A 135 29.24 -7.11 0.65
N ASN A 136 30.47 -6.75 0.26
CA ASN A 136 31.05 -7.22 -1.00
C ASN A 136 31.29 -8.72 -0.94
N LEU A 137 31.40 -9.34 -2.12
CA LEU A 137 31.59 -10.79 -2.20
C LEU A 137 33.08 -11.13 -2.27
N ILE A 138 33.77 -10.75 -1.19
CA ILE A 138 35.19 -10.98 -1.01
C ILE A 138 35.40 -11.41 0.44
N HIS A 139 36.49 -12.14 0.68
CA HIS A 139 36.73 -12.73 2.00
C HIS A 139 36.74 -11.67 3.12
N ALA A 140 37.43 -10.56 2.90
CA ALA A 140 37.61 -9.61 3.99
C ALA A 140 36.31 -8.94 4.43
N ASP A 141 35.30 -8.85 3.55
CA ASP A 141 34.08 -8.16 3.96
C ASP A 141 33.25 -9.00 4.92
N TRP A 142 33.52 -10.32 5.02
CA TRP A 142 32.77 -11.22 5.89
C TRP A 142 33.62 -11.73 7.05
N HIS A 143 34.84 -11.22 7.19
CA HIS A 143 35.80 -11.76 8.16
C HIS A 143 35.71 -11.01 9.49
N GLN A 144 36.07 -9.72 9.50
CA GLN A 144 36.13 -8.99 10.76
C GLN A 144 35.48 -7.61 10.67
N LYS A 145 34.43 -7.47 9.85
CA LYS A 145 33.71 -6.20 9.74
C LYS A 145 32.32 -6.30 10.35
N THR A 146 31.76 -5.15 10.71
CA THR A 146 30.35 -5.09 11.06
C THR A 146 29.56 -4.87 9.78
N GLN A 147 28.74 -5.85 9.40
CA GLN A 147 27.93 -5.81 8.19
C GLN A 147 26.51 -6.19 8.55
N GLY A 148 25.53 -5.72 7.76
CA GLY A 148 24.12 -6.00 8.01
C GLY A 148 23.48 -6.85 6.94
N ILE A 149 22.48 -7.64 7.35
CA ILE A 149 21.73 -8.55 6.46
C ILE A 149 20.26 -8.46 6.80
N TRP A 150 19.39 -8.32 5.78
CA TRP A 150 17.96 -8.57 5.93
C TRP A 150 17.60 -9.83 5.15
N LEU A 151 16.95 -10.78 5.83
CA LEU A 151 16.52 -12.04 5.21
C LEU A 151 15.01 -12.03 5.02
N SER A 152 14.56 -12.15 3.78
CA SER A 152 13.14 -12.30 3.50
C SER A 152 12.64 -13.64 4.01
N PRO A 153 11.32 -13.77 4.19
CA PRO A 153 10.74 -15.10 4.40
C PRO A 153 10.93 -15.95 3.15
N LEU A 154 10.69 -17.24 3.32
CA LEU A 154 10.61 -18.12 2.15
C LEU A 154 9.30 -17.81 1.44
N TYR A 155 9.39 -17.27 0.23
CA TYR A 155 8.19 -16.91 -0.52
C TYR A 155 7.71 -18.10 -1.33
N PRO A 156 6.51 -18.60 -1.11
CA PRO A 156 6.04 -19.75 -1.89
C PRO A 156 5.66 -19.35 -3.31
N ARG A 157 5.69 -20.34 -4.20
CA ARG A 157 5.27 -20.12 -5.57
C ARG A 157 3.75 -20.04 -5.65
N ILE A 158 3.25 -19.18 -6.52
CA ILE A 158 1.81 -19.12 -6.73
C ILE A 158 1.43 -20.23 -7.72
N ALA A 159 0.39 -20.98 -7.38
CA ALA A 159 0.00 -22.12 -8.21
C ALA A 159 -0.30 -21.68 -9.63
N ASP A 160 0.17 -22.46 -10.60
CA ASP A 160 -0.14 -22.19 -12.00
C ASP A 160 -1.65 -22.24 -12.21
N GLY A 161 -2.22 -21.15 -12.73
CA GLY A 161 -3.65 -21.02 -12.90
C GLY A 161 -4.34 -20.16 -11.87
N THR A 162 -3.76 -20.02 -10.68
CA THR A 162 -4.28 -19.08 -9.69
C THR A 162 -3.90 -17.65 -10.07
N HIS A 163 -4.86 -16.74 -9.91
CA HIS A 163 -4.61 -15.31 -10.12
C HIS A 163 -4.73 -14.62 -8.77
N LYS A 164 -3.58 -14.24 -8.21
CA LYS A 164 -3.53 -13.42 -7.02
C LYS A 164 -2.32 -12.50 -7.14
N SER A 165 -2.35 -11.40 -6.37
CA SER A 165 -1.27 -10.43 -6.55
C SER A 165 0.03 -10.92 -5.92
N GLY A 166 -0.05 -11.65 -4.80
CA GLY A 166 1.15 -11.97 -4.07
C GLY A 166 1.83 -10.76 -3.44
N GLU A 167 1.10 -9.65 -3.28
CA GLU A 167 1.64 -8.38 -2.83
C GLU A 167 1.48 -8.23 -1.32
N SER A 168 2.41 -7.48 -0.71
N SER A 168 2.41 -7.48 -0.70
CA SER A 168 2.41 -7.21 0.72
CA SER A 168 2.41 -7.21 0.73
C SER A 168 1.77 -5.86 1.02
C SER A 168 1.79 -5.85 1.03
N PRO A 169 1.41 -5.59 2.29
CA PRO A 169 0.95 -4.24 2.64
C PRO A 169 1.99 -3.17 2.39
N THR A 170 3.27 -3.52 2.36
CA THR A 170 4.33 -2.55 2.08
C THR A 170 4.64 -2.39 0.60
N HIS A 171 3.91 -3.08 -0.30
CA HIS A 171 4.09 -2.95 -1.75
C HIS A 171 5.46 -3.48 -2.19
N PHE A 172 6.07 -4.34 -1.38
CA PHE A 172 7.44 -4.80 -1.66
C PHE A 172 7.57 -5.49 -3.01
N LYS A 173 6.57 -6.28 -3.41
CA LYS A 173 6.73 -7.06 -4.65
C LYS A 173 6.79 -6.15 -5.86
N ALA A 174 5.80 -5.24 -5.98
CA ALA A 174 5.82 -4.27 -7.06
C ALA A 174 7.08 -3.40 -6.99
N ASP A 175 7.50 -3.03 -5.79
CA ASP A 175 8.63 -2.12 -5.68
C ASP A 175 9.94 -2.81 -6.07
N LEU A 176 10.10 -4.09 -5.71
CA LEU A 176 11.29 -4.82 -6.14
C LEU A 176 11.29 -5.01 -7.65
N ILE A 177 10.13 -5.31 -8.23
CA ILE A 177 10.10 -5.45 -9.68
C ILE A 177 10.45 -4.13 -10.35
N SER A 178 9.90 -3.02 -9.84
N SER A 178 9.91 -3.02 -9.83
CA SER A 178 10.24 -1.70 -10.35
CA SER A 178 10.24 -1.71 -10.36
C SER A 178 11.74 -1.43 -10.30
C SER A 178 11.74 -1.44 -10.29
N TYR A 179 12.37 -1.78 -9.16
CA TYR A 179 13.82 -1.60 -9.06
C TYR A 179 14.55 -2.40 -10.15
N LEU A 180 14.16 -3.65 -10.36
CA LEU A 180 14.81 -4.45 -11.39
C LEU A 180 14.50 -3.96 -12.79
N MET A 181 13.29 -3.46 -13.04
N MET A 181 13.27 -3.47 -13.02
CA MET A 181 12.95 -2.97 -14.38
CA MET A 181 12.92 -2.95 -14.35
C MET A 181 13.85 -1.81 -14.79
C MET A 181 13.85 -1.82 -14.78
N ALA A 182 14.33 -1.03 -13.82
CA ALA A 182 15.15 0.12 -14.12
C ALA A 182 16.47 -0.25 -14.80
N TYR A 183 16.95 -1.50 -14.61
CA TYR A 183 18.17 -1.93 -15.28
C TYR A 183 17.98 -2.10 -16.78
N ASN A 184 16.75 -2.39 -17.21
CA ASN A 184 16.47 -2.63 -18.62
C ASN A 184 17.35 -3.76 -19.19
N ALA A 185 17.46 -4.87 -18.44
CA ALA A 185 18.45 -5.92 -18.75
C ALA A 185 17.77 -7.26 -19.00
N PRO A 186 18.13 -7.97 -20.09
CA PRO A 186 17.41 -9.23 -20.39
C PRO A 186 17.57 -10.28 -19.32
N SER A 187 18.76 -10.39 -18.71
CA SER A 187 18.94 -11.40 -17.67
C SER A 187 18.08 -11.09 -16.45
N LEU A 188 17.76 -9.82 -16.21
CA LEU A 188 16.93 -9.49 -15.05
C LEU A 188 15.44 -9.54 -15.36
N LYS A 189 15.05 -9.47 -16.65
CA LYS A 189 13.65 -9.75 -16.98
C LYS A 189 13.29 -11.18 -16.59
N GLU A 190 14.25 -12.09 -16.73
CA GLU A 190 14.02 -13.46 -16.27
C GLU A 190 13.71 -13.49 -14.77
N TRP A 191 14.48 -12.74 -13.98
CA TRP A 191 14.23 -12.74 -12.54
C TRP A 191 12.94 -12.02 -12.19
N ILE A 192 12.57 -10.98 -12.94
CA ILE A 192 11.28 -10.33 -12.76
C ILE A 192 10.14 -11.34 -12.94
N ASP A 193 10.23 -12.15 -13.99
CA ASP A 193 9.19 -13.16 -14.19
C ASP A 193 9.16 -14.18 -13.06
N VAL A 194 10.32 -14.52 -12.50
CA VAL A 194 10.36 -15.38 -11.31
C VAL A 194 9.58 -14.75 -10.16
N ILE A 195 9.87 -13.47 -9.89
CA ILE A 195 9.23 -12.78 -8.76
C ILE A 195 7.72 -12.72 -8.97
N HIS A 196 7.27 -12.42 -10.20
CA HIS A 196 5.83 -12.42 -10.49
C HIS A 196 5.16 -13.72 -10.07
N LYS A 197 5.88 -14.84 -10.21
CA LYS A 197 5.31 -16.15 -9.93
C LYS A 197 5.27 -16.50 -8.45
N HIS A 198 5.79 -15.64 -7.56
CA HIS A 198 5.85 -16.00 -6.15
C HIS A 198 5.01 -15.05 -5.31
N ASP A 199 4.63 -15.53 -4.13
CA ASP A 199 3.78 -14.81 -3.19
C ASP A 199 4.70 -14.13 -2.17
N LEU A 200 4.79 -12.79 -2.24
CA LEU A 200 5.63 -12.02 -1.32
C LEU A 200 4.81 -11.30 -0.26
N SER A 201 3.56 -11.74 -0.03
CA SER A 201 2.65 -10.96 0.80
C SER A 201 3.08 -10.87 2.26
N GLU A 202 3.90 -11.79 2.76
CA GLU A 202 4.34 -11.73 4.14
C GLU A 202 5.40 -10.66 4.41
N THR A 203 5.84 -9.92 3.39
CA THR A 203 6.93 -8.97 3.61
C THR A 203 6.47 -7.78 4.44
N ASN A 204 7.22 -7.48 5.51
CA ASN A 204 6.86 -6.39 6.42
C ASN A 204 7.86 -5.21 6.37
N VAL A 205 8.76 -5.17 5.39
CA VAL A 205 9.66 -4.04 5.21
C VAL A 205 9.33 -3.32 3.90
N TYR A 206 9.72 -2.04 3.84
CA TYR A 206 9.62 -1.23 2.63
C TYR A 206 10.94 -1.18 1.90
N LEU A 207 10.90 -1.30 0.57
CA LEU A 207 12.11 -1.21 -0.24
C LEU A 207 12.46 0.26 -0.48
N ILE A 208 13.74 0.62 -0.27
CA ILE A 208 14.24 1.94 -0.62
C ILE A 208 15.43 1.76 -1.55
N GLY A 209 15.25 2.11 -2.82
CA GLY A 209 16.32 1.95 -3.78
C GLY A 209 16.75 3.26 -4.41
N SER A 210 17.95 3.24 -4.96
CA SER A 210 18.43 4.31 -5.83
C SER A 210 18.78 3.66 -7.15
N THR A 211 18.46 4.35 -8.23
N THR A 211 18.42 4.33 -8.24
CA THR A 211 18.88 3.95 -9.56
CA THR A 211 18.85 3.97 -9.58
C THR A 211 19.31 5.22 -10.30
C THR A 211 19.35 5.23 -10.26
N PRO A 212 20.29 5.12 -11.21
CA PRO A 212 20.81 6.33 -11.87
C PRO A 212 19.76 6.98 -12.75
N GLY A 213 19.71 8.30 -12.70
CA GLY A 213 18.85 9.03 -13.63
C GLY A 213 18.49 10.40 -13.10
N ARG A 214 17.58 11.04 -13.82
N ARG A 214 17.56 11.04 -13.82
CA ARG A 214 17.08 12.38 -13.48
CA ARG A 214 17.08 12.37 -13.50
C ARG A 214 15.56 12.28 -13.43
C ARG A 214 15.55 12.28 -13.44
N PHE A 215 15.00 12.35 -12.24
CA PHE A 215 13.61 12.04 -11.99
C PHE A 215 12.81 13.29 -11.64
N GLN A 216 11.71 13.50 -12.38
CA GLN A 216 10.83 14.62 -12.13
C GLN A 216 9.39 14.13 -12.06
N GLY A 217 8.52 15.00 -11.57
CA GLY A 217 7.09 14.71 -11.62
C GLY A 217 6.71 13.44 -10.89
N SER A 218 6.01 12.54 -11.59
CA SER A 218 5.50 11.33 -10.96
C SER A 218 6.63 10.39 -10.53
N GLN A 219 7.84 10.60 -11.02
CA GLN A 219 8.96 9.71 -10.73
C GLN A 219 9.85 10.23 -9.61
N LYS A 220 9.63 11.46 -9.15
CA LYS A 220 10.51 12.08 -8.17
C LYS A 220 10.52 11.30 -6.86
N ASP A 221 9.39 10.70 -6.48
CA ASP A 221 9.28 10.01 -5.20
C ASP A 221 9.69 8.54 -5.26
N ASN A 222 10.19 8.06 -6.41
CA ASN A 222 10.47 6.63 -6.55
C ASN A 222 11.78 6.22 -5.89
N TRP A 223 12.74 7.14 -5.76
CA TRP A 223 14.10 6.70 -5.43
C TRP A 223 14.77 7.65 -4.44
N GLY A 224 15.83 7.15 -3.82
CA GLY A 224 16.71 8.02 -3.05
C GLY A 224 16.02 8.65 -1.86
N HIS A 225 16.50 9.85 -1.48
CA HIS A 225 15.98 10.41 -0.25
C HIS A 225 14.54 10.89 -0.39
N PHE A 226 14.07 11.16 -1.62
CA PHE A 226 12.64 11.46 -1.80
C PHE A 226 11.76 10.23 -1.61
N ARG A 227 12.26 9.04 -1.94
CA ARG A 227 11.54 7.81 -1.63
C ARG A 227 11.38 7.67 -0.12
N LEU A 228 12.47 7.87 0.63
CA LEU A 228 12.38 7.82 2.08
C LEU A 228 11.36 8.83 2.60
N LYS A 229 11.44 10.06 2.12
CA LYS A 229 10.52 11.10 2.57
C LYS A 229 9.07 10.71 2.32
N LYS A 230 8.79 10.14 1.14
CA LYS A 230 7.43 9.75 0.79
C LYS A 230 6.91 8.67 1.73
N LEU A 231 7.75 7.68 2.04
CA LEU A 231 7.35 6.62 2.96
C LEU A 231 7.09 7.16 4.35
N LEU A 232 7.95 8.07 4.82
CA LEU A 232 7.78 8.61 6.17
C LEU A 232 6.54 9.50 6.26
N LYS A 233 6.25 10.24 5.20
CA LYS A 233 5.02 11.02 5.15
C LYS A 233 3.78 10.13 5.22
N ASP A 234 3.79 9.01 4.49
CA ASP A 234 2.60 8.19 4.31
C ASP A 234 2.39 7.15 5.39
N HIS A 235 3.46 6.68 6.05
CA HIS A 235 3.36 5.49 6.88
C HIS A 235 3.96 5.65 8.28
N ALA A 236 4.38 6.86 8.65
CA ALA A 236 4.81 7.16 10.02
C ALA A 236 3.99 8.33 10.54
N SER A 237 3.96 8.47 11.86
CA SER A 237 3.20 9.51 12.53
C SER A 237 4.12 10.49 13.24
N SER A 238 3.82 11.78 13.14
CA SER A 238 4.51 12.78 13.94
C SER A 238 4.00 12.72 15.38
N MET A 239 4.92 12.86 16.32
CA MET A 239 4.61 12.90 17.75
C MET A 239 4.84 14.30 18.29
N PRO A 240 4.28 14.63 19.45
CA PRO A 240 4.62 15.91 20.08
C PRO A 240 6.11 15.95 20.40
N ASN A 241 6.70 17.14 20.26
CA ASN A 241 8.13 17.33 20.48
C ASN A 241 8.96 16.49 19.51
N ALA A 242 8.46 16.33 18.28
CA ALA A 242 9.22 15.61 17.26
C ALA A 242 10.55 16.27 16.97
N GLU A 243 10.65 17.60 17.17
CA GLU A 243 11.90 18.29 16.91
C GLU A 243 12.99 17.89 17.89
N SER A 244 12.63 17.19 18.96
CA SER A 244 13.59 16.68 19.93
C SER A 244 14.11 15.30 19.58
N TRP A 245 13.53 14.61 18.60
CA TRP A 245 13.97 13.26 18.24
C TRP A 245 15.13 13.41 17.25
N PRO A 246 16.33 12.98 17.61
CA PRO A 246 17.47 13.14 16.70
C PRO A 246 17.33 12.32 15.43
N VAL A 247 18.22 12.62 14.48
CA VAL A 247 18.47 11.76 13.34
C VAL A 247 19.87 11.19 13.47
N VAL A 248 20.03 9.90 13.21
CA VAL A 248 21.35 9.26 13.26
C VAL A 248 21.67 8.67 11.89
N GLY A 249 22.83 9.02 11.35
CA GLY A 249 23.34 8.41 10.13
C GLY A 249 24.68 7.76 10.40
N GLN A 250 24.88 6.57 9.85
CA GLN A 250 26.03 5.73 10.17
C GLN A 250 26.51 5.10 8.88
N PHE A 251 27.77 5.32 8.50
CA PHE A 251 28.20 5.05 7.12
C PHE A 251 29.68 4.74 7.09
N SER A 252 30.16 4.30 5.93
CA SER A 252 31.58 3.96 5.81
C SER A 252 32.30 4.80 4.78
N SER A 253 31.63 5.73 4.11
N SER A 253 31.63 5.74 4.11
CA SER A 253 32.26 6.66 3.21
CA SER A 253 32.33 6.69 3.26
C SER A 253 31.44 7.95 3.17
C SER A 253 31.45 7.93 3.11
N VAL A 254 32.09 9.04 2.80
CA VAL A 254 31.44 10.35 2.69
C VAL A 254 31.79 10.92 1.33
N GLY A 255 30.79 11.48 0.64
CA GLY A 255 31.02 12.14 -0.62
C GLY A 255 31.30 13.61 -0.39
N SER A 256 31.45 14.35 -1.48
N SER A 256 31.44 14.34 -1.49
CA SER A 256 31.60 15.80 -1.41
CA SER A 256 31.56 15.80 -1.45
C SER A 256 30.21 16.42 -1.21
C SER A 256 30.17 16.39 -1.20
N LEU A 257 29.99 17.03 -0.05
CA LEU A 257 28.67 17.55 0.30
C LEU A 257 28.52 19.06 0.13
N GLY A 258 29.59 19.77 -0.16
CA GLY A 258 29.52 21.20 -0.39
C GLY A 258 30.25 21.99 0.66
N ALA A 259 30.32 23.30 0.43
CA ALA A 259 31.15 24.20 1.22
C ALA A 259 30.59 24.45 2.61
N ASP A 260 29.29 24.20 2.83
CA ASP A 260 28.72 24.33 4.16
C ASP A 260 27.51 23.41 4.26
N GLU A 261 26.94 23.32 5.47
CA GLU A 261 25.87 22.36 5.72
C GLU A 261 24.59 22.71 4.97
N SER A 262 24.40 23.99 4.59
CA SER A 262 23.18 24.38 3.91
C SER A 262 23.12 23.91 2.47
N LYS A 263 24.24 23.49 1.90
CA LYS A 263 24.27 23.15 0.47
C LYS A 263 23.48 21.88 0.19
N TRP A 264 23.56 20.87 1.06
CA TRP A 264 22.85 19.61 0.82
C TRP A 264 22.50 18.87 2.11
N LEU A 265 23.46 18.76 3.04
CA LEU A 265 23.30 17.90 4.21
C LEU A 265 22.10 18.32 5.07
N CYS A 266 22.05 19.59 5.43
CA CYS A 266 21.01 20.08 6.32
C CYS A 266 19.90 20.81 5.60
N SER A 267 19.93 20.84 4.27
CA SER A 267 18.82 21.39 3.53
C SER A 267 17.98 20.22 3.02
N GLU A 268 18.39 19.53 1.96
CA GLU A 268 17.44 18.56 1.44
C GLU A 268 17.55 17.19 2.12
N PHE A 269 18.76 16.73 2.46
CA PHE A 269 18.93 15.40 3.03
C PHE A 269 18.29 15.30 4.42
N LYS A 270 18.72 16.18 5.34
CA LYS A 270 18.12 16.20 6.67
C LYS A 270 16.62 16.45 6.60
N GLU A 271 16.18 17.32 5.68
CA GLU A 271 14.75 17.59 5.56
C GLU A 271 13.96 16.33 5.23
N SER A 272 14.48 15.51 4.31
CA SER A 272 13.83 14.23 4.05
C SER A 272 13.86 13.35 5.28
N MET A 273 14.99 13.28 5.98
CA MET A 273 15.08 12.34 7.08
C MET A 273 14.29 12.75 8.31
N LEU A 274 13.96 14.05 8.45
N LEU A 274 13.96 14.02 8.47
CA LEU A 274 13.15 14.53 9.56
CA LEU A 274 13.14 14.44 9.62
C LEU A 274 11.66 14.27 9.38
C LEU A 274 11.65 14.45 9.31
N THR A 275 11.24 13.96 8.16
CA THR A 275 9.81 13.88 7.84
C THR A 275 9.10 12.84 8.71
N LEU A 276 7.92 13.21 9.20
CA LEU A 276 7.04 12.28 9.90
C LEU A 276 5.61 12.72 9.67
N GLY A 277 4.80 11.85 9.08
CA GLY A 277 3.39 12.16 8.90
C GLY A 277 3.15 13.19 7.81
N LYS A 278 1.86 13.54 7.65
CA LYS A 278 1.41 14.27 6.48
C LYS A 278 1.37 15.78 6.64
N GLU A 279 1.60 16.30 7.85
CA GLU A 279 1.47 17.73 8.09
C GLU A 279 2.74 18.46 7.64
N SER A 280 2.64 19.79 7.62
CA SER A 280 3.76 20.62 7.17
C SER A 280 4.61 21.08 8.34
N SER A 286 15.67 24.03 11.10
CA SER A 286 15.38 22.99 12.10
C SER A 286 16.50 22.83 13.12
N SER A 287 16.12 22.51 14.37
CA SER A 287 17.06 22.26 15.44
C SER A 287 17.08 20.80 15.87
N VAL A 288 16.62 19.90 15.00
CA VAL A 288 16.72 18.47 15.31
C VAL A 288 18.19 18.08 15.37
N PRO A 289 18.67 17.46 16.46
CA PRO A 289 20.08 17.04 16.51
C PRO A 289 20.39 16.02 15.43
N LEU A 290 21.55 16.16 14.80
CA LEU A 290 22.00 15.23 13.77
C LEU A 290 23.30 14.58 14.23
N TYR A 291 23.28 13.27 14.39
CA TYR A 291 24.47 12.50 14.78
C TYR A 291 24.95 11.73 13.57
N LEU A 292 26.21 11.89 13.20
CA LEU A 292 26.84 11.09 12.16
C LEU A 292 27.91 10.22 12.79
N ILE A 293 27.86 8.91 12.49
CA ILE A 293 28.79 7.94 13.07
C ILE A 293 29.73 7.47 11.98
N TYR A 294 31.04 7.66 12.17
CA TYR A 294 32.05 7.36 11.18
C TYR A 294 33.38 7.10 11.88
N PRO A 295 34.09 6.02 11.56
CA PRO A 295 35.26 5.63 12.37
C PRO A 295 36.34 6.70 12.39
N SER A 296 36.85 6.97 13.59
CA SER A 296 38.03 7.82 13.76
C SER A 296 39.29 7.06 13.38
N VAL A 297 40.41 7.80 13.29
CA VAL A 297 41.68 7.12 13.05
C VAL A 297 41.96 6.11 14.15
N GLU A 298 41.68 6.47 15.40
N GLU A 298 41.68 6.47 15.40
CA GLU A 298 41.97 5.57 16.50
CA GLU A 298 41.97 5.56 16.52
C GLU A 298 41.07 4.33 16.46
C GLU A 298 41.07 4.33 16.47
N ASN A 299 39.81 4.50 16.06
CA ASN A 299 38.93 3.34 15.83
C ASN A 299 39.58 2.35 14.87
N VAL A 300 40.13 2.85 13.76
CA VAL A 300 40.71 1.96 12.74
C VAL A 300 42.02 1.35 13.25
N ARG A 301 42.88 2.16 13.86
CA ARG A 301 44.18 1.67 14.33
C ARG A 301 44.03 0.49 15.29
N THR A 302 43.13 0.61 16.26
CA THR A 302 42.96 -0.42 17.26
C THR A 302 41.97 -1.51 16.86
N SER A 303 41.54 -1.53 15.61
CA SER A 303 40.56 -2.50 15.14
C SER A 303 41.18 -3.89 14.98
N LEU A 304 40.31 -4.90 14.85
CA LEU A 304 40.78 -6.26 14.59
C LEU A 304 41.69 -6.31 13.37
N GLU A 305 41.31 -5.62 12.30
CA GLU A 305 42.09 -5.63 11.07
C GLU A 305 43.30 -4.71 11.13
N GLY A 306 43.26 -3.70 11.97
CA GLY A 306 44.27 -2.65 11.96
C GLY A 306 44.01 -1.66 10.83
N TYR A 307 45.06 -0.92 10.50
CA TYR A 307 44.95 0.08 9.43
C TYR A 307 44.36 -0.46 8.12
N PRO A 308 44.63 -1.72 7.71
CA PRO A 308 43.99 -2.23 6.48
C PRO A 308 42.46 -2.14 6.47
N ALA A 309 41.81 -2.09 7.64
CA ALA A 309 40.37 -1.84 7.65
C ALA A 309 40.03 -0.53 6.92
N GLY A 310 40.94 0.44 6.97
CA GLY A 310 40.77 1.71 6.29
C GLY A 310 40.76 1.61 4.78
N GLY A 311 41.21 0.49 4.22
CA GLY A 311 41.06 0.23 2.81
C GLY A 311 39.61 0.24 2.37
N SER A 312 38.67 -0.02 3.28
CA SER A 312 37.24 -0.07 3.00
C SER A 312 36.48 1.11 3.61
N LEU A 313 37.18 2.18 3.92
CA LEU A 313 36.59 3.42 4.43
C LEU A 313 37.18 4.54 3.58
N PRO A 314 36.73 4.69 2.34
CA PRO A 314 37.49 5.46 1.32
C PRO A 314 37.17 6.95 1.29
N TYR A 315 37.38 7.63 2.42
CA TYR A 315 37.24 9.08 2.53
C TYR A 315 38.58 9.72 2.15
N SER A 316 38.61 10.47 1.06
CA SER A 316 39.88 11.01 0.56
C SER A 316 40.18 12.38 1.17
N ILE A 317 41.48 12.68 1.29
CA ILE A 317 41.87 13.99 1.84
C ILE A 317 41.41 15.12 0.93
N GLN A 318 41.37 14.88 -0.39
CA GLN A 318 40.91 15.91 -1.32
C GLN A 318 39.48 16.32 -1.01
N THR A 319 38.62 15.35 -0.75
CA THR A 319 37.24 15.65 -0.39
C THR A 319 37.15 16.27 0.99
N ALA A 320 37.86 15.68 1.95
CA ALA A 320 37.70 16.07 3.35
C ALA A 320 38.13 17.51 3.59
N GLU A 321 39.20 17.96 2.92
CA GLU A 321 39.68 19.30 3.22
C GLU A 321 38.75 20.39 2.69
N LYS A 322 37.80 20.05 1.82
CA LYS A 322 36.81 21.00 1.34
C LYS A 322 35.62 21.15 2.28
N GLN A 323 35.54 20.35 3.33
CA GLN A 323 34.33 20.33 4.15
C GLN A 323 34.68 20.02 5.60
N ASN A 324 35.69 20.71 6.15
CA ASN A 324 35.99 20.52 7.56
C ASN A 324 34.80 20.82 8.47
N TRP A 325 33.84 21.64 8.01
CA TRP A 325 32.65 21.89 8.82
C TRP A 325 31.94 20.60 9.17
N LEU A 326 32.02 19.58 8.31
CA LEU A 326 31.27 18.34 8.50
C LEU A 326 31.72 17.59 9.74
N HIS A 327 33.01 17.65 10.06
CA HIS A 327 33.55 16.76 11.06
C HIS A 327 33.09 17.10 12.46
N SER A 328 32.53 18.30 12.68
N SER A 328 32.53 18.30 12.68
CA SER A 328 31.95 18.59 13.99
CA SER A 328 31.94 18.59 13.98
C SER A 328 30.69 17.77 14.25
C SER A 328 30.74 17.70 14.26
N TYR A 329 30.16 17.08 13.23
CA TYR A 329 29.01 16.18 13.40
C TYR A 329 29.41 14.74 13.71
N PHE A 330 30.70 14.42 13.68
CA PHE A 330 31.14 13.02 13.68
C PHE A 330 31.25 12.45 15.10
N HIS A 331 30.81 11.19 15.23
CA HIS A 331 30.83 10.45 16.47
C HIS A 331 31.55 9.13 16.23
N LYS A 332 32.23 8.64 17.27
CA LYS A 332 33.06 7.44 17.15
C LYS A 332 32.22 6.20 16.89
N TRP A 333 32.85 5.19 16.29
CA TRP A 333 32.23 3.88 16.20
C TRP A 333 32.35 3.20 17.56
N SER A 334 31.22 2.77 18.09
CA SER A 334 31.22 2.04 19.35
C SER A 334 30.07 1.03 19.29
N ALA A 335 30.36 -0.23 19.60
CA ALA A 335 29.36 -1.28 19.47
C ALA A 335 29.52 -2.34 20.56
N GLU A 336 29.69 -1.92 21.82
CA GLU A 336 29.71 -2.88 22.91
C GLU A 336 28.46 -3.75 22.94
N THR A 337 27.31 -3.17 22.55
CA THR A 337 26.04 -3.92 22.59
C THR A 337 26.11 -5.20 21.76
N SER A 338 26.91 -5.22 20.69
CA SER A 338 27.06 -6.41 19.86
C SER A 338 28.48 -6.95 19.86
N GLY A 339 29.29 -6.56 20.84
CA GLY A 339 30.68 -7.00 20.90
C GLY A 339 31.53 -6.62 19.71
N ARG A 340 31.18 -5.54 19.00
CA ARG A 340 31.78 -5.26 17.71
C ARG A 340 32.47 -3.89 17.63
N SER A 341 32.88 -3.31 18.77
CA SER A 341 33.59 -2.03 18.72
C SER A 341 34.88 -2.11 17.90
N ASN A 342 35.52 -3.28 17.85
CA ASN A 342 36.75 -3.40 17.08
C ASN A 342 36.55 -4.04 15.70
N ALA A 343 35.30 -4.21 15.27
CA ALA A 343 34.98 -4.75 13.94
C ALA A 343 34.47 -3.58 13.12
N MET A 344 35.32 -3.05 12.23
CA MET A 344 34.99 -1.76 11.62
C MET A 344 33.73 -1.87 10.77
N PRO A 345 32.93 -0.80 10.72
CA PRO A 345 31.63 -0.86 10.04
C PRO A 345 31.76 -0.74 8.53
N HIS A 346 31.12 -1.67 7.82
CA HIS A 346 30.80 -1.50 6.42
C HIS A 346 29.29 -1.52 6.19
N ILE A 347 28.52 -1.84 7.23
CA ILE A 347 27.08 -1.59 7.25
C ILE A 347 26.84 -0.07 7.17
N LYS A 348 25.70 0.31 6.60
CA LYS A 348 25.22 1.70 6.65
C LYS A 348 23.82 1.66 7.24
N THR A 349 23.54 2.53 8.21
CA THR A 349 22.22 2.57 8.83
C THR A 349 21.81 4.01 9.07
N TYR A 350 20.50 4.23 9.06
CA TYR A 350 19.92 5.53 9.37
C TYR A 350 18.70 5.29 10.25
N MET A 351 18.49 6.13 11.27
CA MET A 351 17.36 5.87 12.16
C MET A 351 16.97 7.15 12.89
N ARG A 352 15.82 7.09 13.58
CA ARG A 352 15.23 8.25 14.26
C ARG A 352 14.90 7.91 15.71
N PRO A 353 15.88 8.00 16.61
CA PRO A 353 15.61 7.70 18.03
C PRO A 353 14.88 8.81 18.76
N SER A 354 14.27 8.42 19.88
CA SER A 354 13.65 9.34 20.81
C SER A 354 14.75 10.14 21.52
N PRO A 355 14.37 11.24 22.20
CA PRO A 355 15.42 12.09 22.82
C PRO A 355 16.28 11.37 23.82
N ASP A 356 15.77 10.33 24.47
CA ASP A 356 16.58 9.55 25.40
C ASP A 356 17.09 8.24 24.80
N PHE A 357 16.97 8.08 23.48
CA PHE A 357 17.50 6.94 22.75
C PHE A 357 16.91 5.60 23.20
N SER A 358 15.74 5.60 23.85
CA SER A 358 15.12 4.37 24.29
C SER A 358 14.13 3.77 23.31
N LYS A 359 13.64 4.57 22.36
CA LYS A 359 12.77 4.13 21.27
C LYS A 359 13.32 4.63 19.95
N ILE A 360 12.83 4.08 18.84
CA ILE A 360 13.12 4.63 17.52
C ILE A 360 11.84 4.67 16.71
N ALA A 361 11.69 5.72 15.90
CA ALA A 361 10.51 5.85 15.04
C ALA A 361 10.65 5.06 13.74
N TRP A 362 11.86 4.67 13.37
CA TRP A 362 12.13 3.86 12.18
C TRP A 362 13.62 3.52 12.13
N PHE A 363 13.94 2.53 11.31
CA PHE A 363 15.32 2.08 11.11
C PHE A 363 15.50 1.69 9.65
N LEU A 364 16.61 2.11 9.05
CA LEU A 364 16.95 1.74 7.67
C LEU A 364 18.34 1.11 7.66
N VAL A 365 18.48 -0.03 6.99
CA VAL A 365 19.79 -0.59 6.66
C VAL A 365 19.91 -0.58 5.15
N THR A 366 21.06 -0.16 4.65
CA THR A 366 21.17 0.10 3.21
C THR A 366 22.65 0.02 2.78
N SER A 367 22.84 -0.01 1.46
CA SER A 367 24.17 0.15 0.90
C SER A 367 24.59 1.62 0.79
N ALA A 368 23.66 2.55 1.00
CA ALA A 368 23.88 3.95 0.66
C ALA A 368 24.74 4.66 1.71
N ASN A 369 25.91 5.14 1.30
CA ASN A 369 26.77 5.99 2.12
C ASN A 369 26.25 7.42 2.15
N LEU A 370 26.96 8.31 2.87
CA LEU A 370 26.52 9.71 3.00
C LEU A 370 27.04 10.50 1.80
N SER A 371 26.31 10.39 0.69
CA SER A 371 26.74 11.05 -0.54
C SER A 371 25.54 11.41 -1.39
N LYS A 372 25.70 12.49 -2.17
CA LYS A 372 24.68 12.87 -3.15
C LYS A 372 24.56 11.83 -4.25
N ALA A 373 25.66 11.15 -4.58
CA ALA A 373 25.62 10.13 -5.61
C ALA A 373 24.64 9.03 -5.26
N ALA A 374 24.60 8.65 -3.97
CA ALA A 374 23.78 7.55 -3.46
C ALA A 374 22.36 7.99 -3.18
N TRP A 375 22.18 9.17 -2.60
CA TRP A 375 20.88 9.59 -2.12
C TRP A 375 20.16 10.52 -3.07
N GLY A 376 20.87 11.13 -4.00
CA GLY A 376 20.28 12.06 -4.96
C GLY A 376 20.45 13.51 -4.53
N ALA A 377 20.50 14.41 -5.51
CA ALA A 377 20.59 15.84 -5.26
C ALA A 377 19.62 16.54 -6.20
N LEU A 378 18.88 17.50 -5.65
CA LEU A 378 17.90 18.24 -6.44
C LEU A 378 18.59 19.11 -7.50
N GLU A 379 17.99 19.16 -8.68
CA GLU A 379 18.48 19.93 -9.82
C GLU A 379 17.31 20.68 -10.43
N LYS A 380 17.62 21.56 -11.37
CA LYS A 380 16.61 22.26 -12.19
C LYS A 380 15.57 22.95 -11.32
N ASN A 381 16.04 23.83 -10.44
CA ASN A 381 15.13 24.66 -9.65
C ASN A 381 14.23 23.79 -8.76
N GLY A 382 14.81 22.74 -8.17
CA GLY A 382 14.08 21.88 -7.27
C GLY A 382 13.10 20.91 -7.90
N THR A 383 13.07 20.79 -9.23
CA THR A 383 12.06 19.97 -9.88
C THR A 383 12.56 18.59 -10.26
N GLN A 384 13.85 18.31 -10.11
CA GLN A 384 14.42 17.07 -10.62
C GLN A 384 15.40 16.53 -9.58
N LEU A 385 15.31 15.22 -9.30
CA LEU A 385 16.25 14.56 -8.40
C LEU A 385 17.21 13.72 -9.24
N MET A 386 18.50 14.07 -9.18
CA MET A 386 19.52 13.39 -9.96
C MET A 386 20.29 12.43 -9.07
N ILE A 387 20.36 11.17 -9.48
CA ILE A 387 21.04 10.10 -8.75
C ILE A 387 22.06 9.48 -9.69
N ARG A 388 23.25 9.19 -9.17
CA ARG A 388 24.31 8.62 -10.00
C ARG A 388 24.42 7.11 -9.91
N SER A 389 23.98 6.50 -8.80
CA SER A 389 24.36 5.15 -8.44
C SER A 389 23.14 4.24 -8.23
N TYR A 390 23.41 2.94 -8.24
CA TYR A 390 22.48 1.93 -7.76
C TYR A 390 22.74 1.69 -6.27
N GLU A 391 21.69 1.76 -5.45
CA GLU A 391 21.75 1.47 -4.02
C GLU A 391 20.49 0.73 -3.61
N LEU A 392 20.53 0.03 -2.49
CA LEU A 392 19.33 -0.67 -2.03
C LEU A 392 19.37 -0.91 -0.51
N GLY A 393 18.20 -0.73 0.11
CA GLY A 393 18.07 -0.97 1.54
C GLY A 393 16.63 -1.32 1.88
N VAL A 394 16.38 -1.61 3.14
CA VAL A 394 15.02 -1.89 3.59
C VAL A 394 14.73 -1.03 4.82
N LEU A 395 13.50 -0.53 4.90
CA LEU A 395 13.05 0.37 5.95
C LEU A 395 12.10 -0.37 6.89
N PHE A 396 12.38 -0.30 8.19
CA PHE A 396 11.54 -0.87 9.24
C PHE A 396 10.72 0.26 9.84
N LEU A 397 9.38 0.21 9.64
CA LEU A 397 8.44 1.19 10.20
C LEU A 397 7.54 0.54 11.23
N PRO A 398 7.38 1.14 12.41
CA PRO A 398 6.51 0.54 13.43
C PRO A 398 5.10 0.23 12.92
N SER A 399 4.51 1.10 12.08
CA SER A 399 3.18 0.82 11.56
C SER A 399 3.12 -0.51 10.82
N ALA A 400 4.21 -0.91 10.17
CA ALA A 400 4.19 -2.19 9.44
C ALA A 400 4.16 -3.38 10.38
N PHE A 401 4.33 -3.15 11.67
CA PHE A 401 4.35 -4.23 12.66
C PHE A 401 3.25 -4.06 13.70
N GLY A 402 2.33 -3.14 13.46
CA GLY A 402 1.25 -2.87 14.39
C GLY A 402 1.68 -2.09 15.61
N LEU A 403 2.68 -1.23 15.48
CA LEU A 403 3.26 -0.54 16.64
C LEU A 403 3.35 0.96 16.38
N ASP A 404 3.47 1.73 17.47
CA ASP A 404 3.67 3.16 17.35
C ASP A 404 5.14 3.53 17.27
N SER A 405 5.98 2.74 17.92
CA SER A 405 7.44 2.91 17.89
C SER A 405 8.06 1.57 18.21
N PHE A 406 9.37 1.46 17.98
CA PHE A 406 10.16 0.30 18.40
C PHE A 406 10.90 0.64 19.68
N LYS A 407 10.86 -0.27 20.65
CA LYS A 407 11.79 -0.19 21.77
C LYS A 407 13.17 -0.63 21.30
N VAL A 408 14.21 0.04 21.78
CA VAL A 408 15.58 -0.36 21.43
C VAL A 408 15.99 -1.54 22.31
N LYS A 409 16.46 -2.62 21.67
CA LYS A 409 16.98 -3.77 22.39
C LYS A 409 18.24 -3.40 23.14
N GLN A 410 18.34 -3.82 24.41
CA GLN A 410 19.42 -3.33 25.26
C GLN A 410 20.75 -4.03 24.96
N LYS A 411 20.71 -5.33 24.70
CA LYS A 411 21.86 -6.06 24.19
C LYS A 411 21.46 -6.74 22.89
N PHE A 412 22.28 -6.56 21.84
CA PHE A 412 21.88 -6.97 20.49
C PHE A 412 21.54 -8.45 20.42
N PHE A 413 22.31 -9.29 21.10
CA PHE A 413 22.13 -10.74 21.04
C PHE A 413 21.40 -11.30 22.26
N ALA A 414 20.77 -10.45 23.08
CA ALA A 414 20.11 -10.90 24.30
C ALA A 414 18.66 -11.28 23.99
N GLY A 415 17.84 -11.43 25.03
CA GLY A 415 16.44 -11.80 24.87
C GLY A 415 15.68 -11.88 26.17
N PRO A 419 9.74 -9.27 25.97
CA PRO A 419 10.42 -8.56 24.89
C PRO A 419 10.56 -9.39 23.61
N MET A 420 10.01 -8.89 22.49
CA MET A 420 10.18 -9.57 21.22
C MET A 420 10.09 -8.56 20.08
N ALA A 421 9.20 -7.59 20.23
CA ALA A 421 9.12 -6.42 19.34
C ALA A 421 10.03 -5.29 19.79
N THR A 422 11.27 -5.61 20.18
CA THR A 422 12.29 -4.61 20.44
C THR A 422 13.34 -4.69 19.34
N PHE A 423 13.76 -3.55 18.83
CA PHE A 423 14.54 -3.63 17.59
C PHE A 423 16.04 -3.72 17.89
N PRO A 424 16.77 -4.64 17.24
CA PRO A 424 18.18 -4.81 17.57
C PRO A 424 19.07 -3.78 16.88
N VAL A 425 19.35 -2.69 17.57
CA VAL A 425 20.26 -1.68 17.04
C VAL A 425 21.69 -2.16 17.27
N PRO A 426 22.54 -2.20 16.24
CA PRO A 426 23.82 -2.93 16.36
C PRO A 426 24.98 -2.14 16.97
N TYR A 427 24.82 -0.84 17.24
CA TYR A 427 25.86 -0.07 17.90
C TYR A 427 25.28 0.68 19.09
N ASP A 428 26.17 1.26 19.90
CA ASP A 428 25.79 1.87 21.18
C ASP A 428 25.11 3.21 20.99
N LEU A 429 24.17 3.51 21.91
CA LEU A 429 23.47 4.78 22.00
C LEU A 429 23.61 5.28 23.44
N PRO A 430 23.76 6.60 23.65
CA PRO A 430 23.87 7.63 22.61
C PRO A 430 25.25 7.55 21.97
N PRO A 431 25.38 7.98 20.72
CA PRO A 431 26.70 7.98 20.09
C PRO A 431 27.62 8.98 20.78
N GLU A 432 28.92 8.70 20.73
CA GLU A 432 29.91 9.48 21.47
C GLU A 432 30.66 10.41 20.52
N LEU A 433 30.64 11.71 20.81
CA LEU A 433 31.31 12.70 19.96
C LEU A 433 32.81 12.43 19.91
N TYR A 434 33.41 12.73 18.75
CA TYR A 434 34.87 12.70 18.63
C TYR A 434 35.48 13.56 19.74
N GLY A 435 36.59 13.10 20.30
CA GLY A 435 37.37 13.94 21.18
C GLY A 435 38.20 14.94 20.40
N SER A 436 38.76 15.92 21.12
CA SER A 436 39.46 17.01 20.44
C SER A 436 40.66 16.50 19.66
N LYS A 437 41.27 15.39 20.08
CA LYS A 437 42.42 14.83 19.38
C LYS A 437 42.03 13.82 18.31
N ASP A 438 40.74 13.49 18.20
CA ASP A 438 40.34 12.52 17.19
C ASP A 438 40.24 13.18 15.82
N ARG A 439 40.40 12.35 14.78
CA ARG A 439 40.28 12.78 13.40
C ARG A 439 39.50 11.72 12.64
N PRO A 440 38.74 12.11 11.64
CA PRO A 440 38.05 11.10 10.83
C PRO A 440 39.06 10.29 10.05
N TRP A 441 38.80 8.98 9.93
CA TRP A 441 39.66 8.16 9.09
C TRP A 441 39.67 8.69 7.66
N ILE A 442 40.85 8.99 7.14
CA ILE A 442 41.05 9.47 5.78
C ILE A 442 42.06 8.53 5.13
N TRP A 443 41.68 7.87 4.03
CA TRP A 443 42.37 6.64 3.64
C TRP A 443 43.66 6.90 2.86
N ASN A 444 43.85 8.09 2.31
CA ASN A 444 44.98 8.30 1.41
C ASN A 444 45.98 9.32 1.96
N ILE A 445 46.18 9.32 3.29
CA ILE A 445 47.30 9.99 3.93
C ILE A 445 47.94 9.01 4.91
N PRO A 446 49.19 9.23 5.30
CA PRO A 446 49.87 8.26 6.17
C PRO A 446 49.57 8.45 7.65
N TYR A 447 49.66 7.34 8.37
CA TYR A 447 49.58 7.33 9.84
C TYR A 447 50.79 6.56 10.34
N VAL A 448 51.73 7.27 10.97
CA VAL A 448 53.03 6.70 11.32
C VAL A 448 53.39 7.07 12.75
N LYS A 449 52.41 7.57 13.52
CA LYS A 449 52.69 7.96 14.89
C LYS A 449 52.59 6.77 15.85
N ALA A 450 51.65 5.85 15.62
CA ALA A 450 51.40 4.73 16.49
C ALA A 450 50.99 3.53 15.64
N PRO A 451 51.50 2.34 15.95
CA PRO A 451 51.25 1.17 15.10
C PRO A 451 49.91 0.52 15.43
N ASP A 452 49.44 -0.33 14.48
CA ASP A 452 48.11 -0.92 14.63
C ASP A 452 48.21 -2.25 15.38
N THR A 453 47.10 -3.00 15.41
CA THR A 453 47.03 -4.25 16.16
C THR A 453 47.91 -5.35 15.58
N HIS A 454 48.41 -5.16 14.37
CA HIS A 454 49.32 -6.12 13.76
C HIS A 454 50.76 -5.60 13.73
N GLY A 455 51.02 -4.45 14.34
CA GLY A 455 52.36 -3.90 14.42
C GLY A 455 52.78 -3.00 13.29
N ASN A 456 51.85 -2.53 12.44
CA ASN A 456 52.20 -1.82 11.22
C ASN A 456 51.69 -0.38 11.23
N MET A 457 52.32 0.44 10.41
CA MET A 457 51.85 1.78 10.11
C MET A 457 51.05 1.78 8.81
N TRP A 458 50.58 2.95 8.39
CA TRP A 458 49.79 3.12 7.18
C TRP A 458 50.53 4.08 6.27
N VAL A 459 51.01 3.58 5.13
CA VAL A 459 51.75 4.40 4.19
C VAL A 459 51.15 4.17 2.80
N PRO A 460 50.17 5.00 2.38
CA PRO A 460 49.45 4.84 1.11
C PRO A 460 50.36 4.91 -0.12
N ASN B 15 -15.18 -18.38 -6.46
CA ASN B 15 -14.75 -17.14 -7.10
C ASN B 15 -13.83 -16.35 -6.17
N PRO B 16 -13.08 -15.40 -6.72
CA PRO B 16 -12.29 -14.50 -5.87
C PRO B 16 -13.02 -13.22 -5.51
N PHE B 17 -14.06 -12.86 -6.27
CA PHE B 17 -14.54 -11.50 -6.14
C PHE B 17 -15.50 -11.33 -4.99
N GLN B 18 -16.22 -12.40 -4.61
CA GLN B 18 -17.19 -12.35 -3.50
C GLN B 18 -18.18 -11.18 -3.68
N PHE B 19 -18.64 -11.00 -4.91
CA PHE B 19 -19.65 -10.02 -5.25
C PHE B 19 -20.95 -10.75 -5.55
N TYR B 20 -22.01 -10.44 -4.80
CA TYR B 20 -23.27 -11.15 -4.87
C TYR B 20 -24.41 -10.19 -5.16
N LEU B 21 -25.48 -10.72 -5.74
CA LEU B 21 -26.74 -10.02 -5.79
C LEU B 21 -27.68 -10.54 -4.70
N THR B 22 -28.65 -9.72 -4.34
CA THR B 22 -29.67 -10.19 -3.41
C THR B 22 -30.66 -11.09 -4.14
N ARG B 23 -31.32 -11.95 -3.36
CA ARG B 23 -32.37 -12.82 -3.87
C ARG B 23 -33.57 -12.01 -4.37
N VAL B 24 -34.14 -12.44 -5.50
CA VAL B 24 -35.30 -11.76 -6.10
C VAL B 24 -36.46 -12.76 -6.09
N SER B 25 -37.54 -12.41 -5.38
CA SER B 25 -38.73 -13.24 -5.41
C SER B 25 -39.45 -13.10 -6.74
N GLY B 26 -39.82 -14.22 -7.33
CA GLY B 26 -40.61 -14.17 -8.54
C GLY B 26 -39.83 -14.30 -9.83
N VAL B 27 -38.56 -14.68 -9.76
CA VAL B 27 -37.82 -15.13 -10.93
C VAL B 27 -37.53 -16.61 -10.76
N LYS B 28 -37.17 -17.26 -11.86
CA LYS B 28 -36.84 -18.68 -11.81
C LYS B 28 -35.70 -18.94 -10.83
N PRO B 29 -35.69 -20.12 -10.19
CA PRO B 29 -34.64 -20.40 -9.19
C PRO B 29 -33.22 -20.33 -9.73
N LYS B 30 -33.02 -20.56 -11.03
CA LYS B 30 -31.66 -20.49 -11.57
C LYS B 30 -31.09 -19.08 -11.46
N TYR B 31 -31.94 -18.06 -11.41
CA TYR B 31 -31.49 -16.69 -11.23
C TYR B 31 -31.28 -16.30 -9.77
N ASN B 32 -31.50 -17.23 -8.84
CA ASN B 32 -31.16 -16.99 -7.45
C ASN B 32 -30.10 -17.97 -6.94
N SER B 33 -29.53 -18.80 -7.81
CA SER B 33 -28.64 -19.85 -7.35
C SER B 33 -27.41 -19.27 -6.65
N GLY B 34 -26.79 -18.24 -7.24
CA GLY B 34 -25.68 -17.61 -6.57
C GLY B 34 -25.99 -16.35 -5.76
N ALA B 35 -27.26 -16.13 -5.41
CA ALA B 35 -27.67 -14.89 -4.75
C ALA B 35 -27.74 -15.08 -3.23
N LEU B 36 -27.83 -13.97 -2.50
CA LEU B 36 -27.83 -14.00 -1.04
C LEU B 36 -29.02 -13.24 -0.49
N HIS B 37 -29.77 -13.87 0.41
CA HIS B 37 -30.72 -13.15 1.24
C HIS B 37 -30.05 -12.75 2.55
N ILE B 38 -30.63 -11.75 3.23
CA ILE B 38 -30.04 -11.31 4.49
C ILE B 38 -29.99 -12.45 5.50
N LYS B 39 -30.99 -13.34 5.47
CA LYS B 39 -30.96 -14.49 6.36
C LYS B 39 -29.77 -15.39 6.06
N ASP B 40 -29.34 -15.46 4.80
CA ASP B 40 -28.14 -16.22 4.46
C ASP B 40 -26.90 -15.57 5.08
N ILE B 41 -26.84 -14.25 5.06
CA ILE B 41 -25.65 -13.55 5.55
C ILE B 41 -25.48 -13.77 7.04
N LEU B 42 -26.60 -13.83 7.78
CA LEU B 42 -26.56 -13.91 9.23
C LEU B 42 -26.62 -15.33 9.77
N SER B 43 -26.67 -16.33 8.89
CA SER B 43 -26.80 -17.72 9.30
C SER B 43 -25.58 -18.21 10.09
N PRO B 44 -25.76 -19.20 10.96
N PRO B 44 -25.77 -19.19 10.97
CA PRO B 44 -24.62 -19.74 11.71
CA PRO B 44 -24.62 -19.74 11.72
C PRO B 44 -23.59 -20.42 10.83
C PRO B 44 -23.59 -20.41 10.83
N LEU B 45 -23.93 -20.73 9.58
CA LEU B 45 -22.93 -21.22 8.64
C LEU B 45 -21.85 -20.18 8.39
N PHE B 46 -22.16 -18.89 8.57
CA PHE B 46 -21.19 -17.82 8.35
C PHE B 46 -20.33 -17.51 9.56
N GLY B 47 -20.77 -17.90 10.76
CA GLY B 47 -20.01 -17.72 11.98
C GLY B 47 -20.93 -17.66 13.18
N THR B 48 -20.35 -17.81 14.37
CA THR B 48 -21.10 -17.79 15.63
C THR B 48 -21.17 -16.36 16.16
N LEU B 49 -22.30 -15.70 15.95
CA LEU B 49 -22.38 -14.27 16.14
C LEU B 49 -22.25 -13.90 17.61
N VAL B 50 -21.31 -13.01 17.91
CA VAL B 50 -21.14 -12.47 19.24
C VAL B 50 -21.76 -11.08 19.35
N SER B 51 -21.59 -10.25 18.33
N SER B 51 -21.63 -10.28 18.30
CA SER B 51 -22.19 -8.93 18.28
CA SER B 51 -22.07 -8.90 18.29
C SER B 51 -22.15 -8.45 16.84
C SER B 51 -22.10 -8.43 16.84
N SER B 52 -22.87 -7.36 16.59
CA SER B 52 -22.98 -6.87 15.22
C SER B 52 -23.28 -5.38 15.19
N ALA B 53 -22.83 -4.74 14.11
CA ALA B 53 -23.18 -3.36 13.82
C ALA B 53 -23.86 -3.28 12.46
N GLN B 54 -24.95 -2.52 12.38
CA GLN B 54 -25.70 -2.31 11.13
C GLN B 54 -25.69 -0.82 10.81
N PHE B 55 -24.85 -0.42 9.84
CA PHE B 55 -24.88 0.92 9.28
C PHE B 55 -25.93 0.93 8.18
N ASN B 56 -26.80 1.93 8.19
CA ASN B 56 -27.80 2.02 7.12
C ASN B 56 -28.46 3.38 7.16
N TYR B 57 -29.41 3.56 6.25
CA TYR B 57 -30.24 4.75 6.14
C TYR B 57 -31.62 4.52 6.73
N CYS B 58 -32.34 3.52 6.23
N CYS B 58 -32.33 3.50 6.26
CA CYS B 58 -33.67 3.15 6.70
CA CYS B 58 -33.69 3.20 6.70
C CYS B 58 -33.60 1.85 7.47
C CYS B 58 -33.77 1.81 7.33
N PHE B 59 -34.48 1.72 8.47
CA PHE B 59 -34.52 0.53 9.30
C PHE B 59 -35.97 0.14 9.57
N ASP B 60 -36.25 -1.16 9.52
CA ASP B 60 -37.45 -1.76 10.12
C ASP B 60 -36.93 -2.71 11.19
N VAL B 61 -36.91 -2.24 12.43
CA VAL B 61 -36.21 -2.98 13.48
C VAL B 61 -36.90 -4.31 13.76
N ASP B 62 -38.24 -4.31 13.75
CA ASP B 62 -38.96 -5.56 13.93
C ASP B 62 -38.60 -6.57 12.85
N TRP B 63 -38.61 -6.14 11.58
CA TRP B 63 -38.18 -7.01 10.50
C TRP B 63 -36.71 -7.41 10.67
N LEU B 64 -35.86 -6.47 11.10
CA LEU B 64 -34.43 -6.74 11.17
C LEU B 64 -34.12 -7.88 12.14
N VAL B 65 -34.67 -7.83 13.35
CA VAL B 65 -34.34 -8.85 14.34
C VAL B 65 -34.77 -10.23 13.86
N LYS B 66 -35.91 -10.31 13.15
CA LYS B 66 -36.37 -11.60 12.62
C LYS B 66 -35.40 -12.19 11.59
N GLN B 67 -34.57 -11.37 10.97
CA GLN B 67 -33.60 -11.88 10.01
C GLN B 67 -32.42 -12.58 10.69
N TYR B 68 -32.13 -12.23 11.94
CA TYR B 68 -31.09 -12.96 12.66
C TYR B 68 -31.59 -14.34 13.04
N PRO B 69 -30.71 -15.34 13.11
CA PRO B 69 -31.13 -16.65 13.58
C PRO B 69 -31.65 -16.56 15.01
N PRO B 70 -32.58 -17.44 15.38
CA PRO B 70 -33.16 -17.35 16.74
C PRO B 70 -32.12 -17.30 17.83
N GLU B 71 -31.10 -18.14 17.75
CA GLU B 71 -30.08 -18.19 18.80
C GLU B 71 -29.29 -16.89 18.92
N PHE B 72 -29.23 -16.08 17.87
CA PHE B 72 -28.43 -14.85 17.86
C PHE B 72 -29.26 -13.60 18.13
N ARG B 73 -30.56 -13.74 18.32
CA ARG B 73 -31.41 -12.55 18.33
C ARG B 73 -31.28 -11.70 19.58
N LYS B 74 -30.61 -12.19 20.62
CA LYS B 74 -30.36 -11.39 21.81
C LYS B 74 -28.96 -10.80 21.86
N LYS B 75 -28.05 -11.20 20.97
CA LYS B 75 -26.72 -10.62 20.95
C LYS B 75 -26.81 -9.12 20.66
N PRO B 76 -25.83 -8.34 21.14
CA PRO B 76 -25.93 -6.88 20.97
C PRO B 76 -25.92 -6.46 19.50
N ILE B 77 -26.68 -5.42 19.20
CA ILE B 77 -26.78 -4.88 17.86
C ILE B 77 -26.68 -3.37 17.96
N LEU B 78 -25.82 -2.78 17.14
CA LEU B 78 -25.64 -1.33 17.09
C LEU B 78 -26.17 -0.82 15.76
N LEU B 79 -27.16 0.06 15.83
CA LEU B 79 -27.72 0.70 14.64
C LEU B 79 -27.04 2.04 14.44
N VAL B 80 -26.37 2.22 13.30
CA VAL B 80 -25.75 3.50 12.95
C VAL B 80 -26.60 4.17 11.88
N HIS B 81 -27.15 5.34 12.21
CA HIS B 81 -28.12 6.04 11.37
C HIS B 81 -27.77 7.53 11.35
N GLY B 82 -28.54 8.31 10.59
CA GLY B 82 -28.32 9.74 10.54
C GLY B 82 -29.55 10.58 10.89
N ASP B 83 -30.54 9.93 11.51
CA ASP B 83 -31.84 10.57 11.71
C ASP B 83 -31.79 11.64 12.81
N LYS B 84 -32.61 12.67 12.66
CA LYS B 84 -32.69 13.77 13.61
C LYS B 84 -34.14 14.03 14.01
N ARG B 85 -34.30 14.67 15.17
CA ARG B 85 -35.58 15.24 15.62
C ARG B 85 -36.62 14.12 15.73
N GLU B 86 -37.79 14.24 15.10
CA GLU B 86 -38.83 13.24 15.29
C GLU B 86 -38.47 11.90 14.64
N ALA B 87 -37.82 11.95 13.48
CA ALA B 87 -37.32 10.72 12.86
C ALA B 87 -36.42 9.96 13.82
N LYS B 88 -35.49 10.68 14.47
CA LYS B 88 -34.64 10.06 15.49
C LYS B 88 -35.49 9.46 16.61
N ALA B 89 -36.50 10.21 17.08
CA ALA B 89 -37.41 9.67 18.09
C ALA B 89 -38.09 8.40 17.60
N HIS B 90 -38.61 8.43 16.38
CA HIS B 90 -39.29 7.26 15.84
C HIS B 90 -38.38 6.04 15.81
N LEU B 91 -37.11 6.22 15.43
CA LEU B 91 -36.21 5.07 15.37
C LEU B 91 -35.93 4.51 16.76
N HIS B 92 -35.65 5.39 17.73
CA HIS B 92 -35.51 4.95 19.11
C HIS B 92 -36.77 4.21 19.58
N ALA B 93 -37.94 4.73 19.21
CA ALA B 93 -39.19 4.06 19.55
C ALA B 93 -39.22 2.63 19.02
N GLN B 94 -38.79 2.43 17.75
CA GLN B 94 -38.71 1.09 17.19
C GLN B 94 -37.82 0.16 18.01
N ALA B 95 -36.72 0.70 18.54
CA ALA B 95 -35.70 -0.15 19.14
C ALA B 95 -36.00 -0.51 20.59
N LYS B 96 -36.74 0.35 21.30
CA LYS B 96 -37.06 0.21 22.72
C LYS B 96 -37.43 -1.22 23.14
N PRO B 97 -38.27 -1.95 22.38
CA PRO B 97 -38.64 -3.31 22.81
C PRO B 97 -37.48 -4.29 22.90
N TYR B 98 -36.35 -4.04 22.23
CA TYR B 98 -35.21 -4.96 22.25
C TYR B 98 -34.08 -4.35 23.07
N GLU B 99 -33.74 -5.01 24.19
CA GLU B 99 -32.80 -4.46 25.15
C GLU B 99 -31.36 -4.51 24.64
N ASN B 100 -31.07 -5.36 23.66
CA ASN B 100 -29.73 -5.52 23.13
C ASN B 100 -29.40 -4.55 22.00
N ILE B 101 -30.26 -3.58 21.72
CA ILE B 101 -30.09 -2.75 20.54
C ILE B 101 -29.69 -1.36 20.99
N SER B 102 -28.47 -0.96 20.63
CA SER B 102 -27.97 0.38 20.86
C SER B 102 -28.01 1.17 19.55
N LEU B 103 -27.97 2.49 19.67
CA LEU B 103 -28.06 3.37 18.51
C LEU B 103 -26.93 4.39 18.52
N CYS B 104 -26.50 4.77 17.32
CA CYS B 104 -25.47 5.79 17.12
C CYS B 104 -25.95 6.73 16.03
N GLN B 105 -26.18 7.98 16.39
CA GLN B 105 -26.58 8.99 15.43
C GLN B 105 -25.32 9.59 14.82
N ALA B 106 -25.05 9.24 13.57
CA ALA B 106 -23.93 9.86 12.86
C ALA B 106 -24.19 11.35 12.71
N LYS B 107 -23.20 12.15 13.06
CA LYS B 107 -23.37 13.59 12.97
C LYS B 107 -23.46 14.01 11.51
N LEU B 108 -24.36 14.95 11.23
CA LEU B 108 -24.57 15.48 9.88
C LEU B 108 -24.59 17.00 9.99
N ASP B 109 -23.40 17.60 10.04
CA ASP B 109 -23.29 19.02 10.30
C ASP B 109 -23.46 19.87 9.05
N ILE B 110 -23.30 19.30 7.88
CA ILE B 110 -23.55 20.03 6.64
C ILE B 110 -24.99 19.81 6.22
N ALA B 111 -25.63 20.86 5.75
CA ALA B 111 -27.04 20.79 5.37
C ALA B 111 -27.24 19.84 4.18
N PHE B 112 -28.44 19.24 4.13
CA PHE B 112 -28.85 18.36 3.03
C PHE B 112 -27.95 17.14 2.92
N GLY B 113 -27.39 16.71 4.03
CA GLY B 113 -26.59 15.51 4.09
C GLY B 113 -27.37 14.36 4.70
N THR B 114 -26.96 13.14 4.34
N THR B 114 -26.96 13.14 4.33
CA THR B 114 -27.62 11.93 4.79
CA THR B 114 -27.64 11.92 4.74
C THR B 114 -26.57 10.89 5.13
C THR B 114 -26.60 10.85 5.06
N HIS B 115 -26.98 9.89 5.90
CA HIS B 115 -26.13 8.75 6.20
C HIS B 115 -26.61 7.60 5.32
N HIS B 116 -25.97 7.45 4.16
CA HIS B 116 -26.37 6.46 3.16
C HIS B 116 -25.62 5.15 3.26
N THR B 117 -24.46 5.13 3.93
CA THR B 117 -23.62 3.94 4.04
C THR B 117 -24.40 2.72 4.50
N LYS B 118 -24.24 1.62 3.77
CA LYS B 118 -24.84 0.34 4.11
C LYS B 118 -23.73 -0.68 4.35
N MET B 119 -23.55 -1.05 5.62
CA MET B 119 -22.45 -1.90 6.00
C MET B 119 -22.87 -2.74 7.21
N MET B 120 -22.42 -3.99 7.24
CA MET B 120 -22.55 -4.83 8.41
C MET B 120 -21.16 -5.12 8.95
N LEU B 121 -20.97 -4.91 10.26
CA LEU B 121 -19.81 -5.45 10.97
C LEU B 121 -20.28 -6.64 11.82
N LEU B 122 -19.68 -7.80 11.60
CA LEU B 122 -20.17 -9.05 12.21
C LEU B 122 -19.03 -9.70 13.00
N LEU B 123 -19.08 -9.56 14.33
CA LEU B 123 -18.08 -10.17 15.19
C LEU B 123 -18.50 -11.58 15.57
N TYR B 124 -17.65 -12.56 15.28
CA TYR B 124 -17.90 -13.95 15.60
C TYR B 124 -16.94 -14.44 16.69
N GLU B 125 -17.26 -15.63 17.21
CA GLU B 125 -16.29 -16.36 18.01
C GLU B 125 -15.07 -16.72 17.17
N GLU B 126 -15.27 -17.00 15.89
CA GLU B 126 -14.20 -17.45 15.02
C GLU B 126 -13.45 -16.31 14.32
N GLY B 127 -13.91 -15.08 14.46
CA GLY B 127 -13.27 -14.02 13.68
C GLY B 127 -14.22 -12.85 13.46
N LEU B 128 -13.98 -12.13 12.37
CA LEU B 128 -14.68 -10.89 12.05
C LEU B 128 -15.03 -10.87 10.57
N ARG B 129 -16.22 -10.40 10.23
CA ARG B 129 -16.62 -10.23 8.83
C ARG B 129 -17.16 -8.83 8.60
N VAL B 130 -16.89 -8.29 7.42
CA VAL B 130 -17.39 -6.99 6.98
C VAL B 130 -18.24 -7.24 5.74
N VAL B 131 -19.42 -6.65 5.72
CA VAL B 131 -20.32 -6.71 4.56
C VAL B 131 -20.59 -5.28 4.12
N ILE B 132 -20.31 -4.99 2.85
CA ILE B 132 -20.61 -3.67 2.30
C ILE B 132 -21.60 -3.90 1.17
N HIS B 133 -22.77 -3.27 1.25
CA HIS B 133 -23.87 -3.65 0.37
C HIS B 133 -24.69 -2.42 0.02
N THR B 134 -25.85 -2.62 -0.60
CA THR B 134 -26.60 -1.48 -1.10
C THR B 134 -28.06 -1.41 -0.61
N SER B 135 -28.49 -2.32 0.26
CA SER B 135 -29.90 -2.44 0.64
C SER B 135 -30.24 -1.74 1.96
N ASN B 136 -31.39 -1.08 2.00
CA ASN B 136 -31.94 -0.66 3.29
C ASN B 136 -32.39 -1.87 4.09
N LEU B 137 -32.53 -1.71 5.41
CA LEU B 137 -32.91 -2.83 6.26
C LEU B 137 -34.42 -2.85 6.43
N ILE B 138 -35.10 -3.03 5.30
CA ILE B 138 -36.56 -3.14 5.24
C ILE B 138 -36.90 -4.25 4.24
N HIS B 139 -38.07 -4.86 4.43
CA HIS B 139 -38.44 -6.01 3.61
C HIS B 139 -38.34 -5.70 2.12
N ALA B 140 -38.85 -4.54 1.70
CA ALA B 140 -38.98 -4.27 0.27
C ALA B 140 -37.63 -4.21 -0.43
N ASP B 141 -36.57 -3.84 0.29
CA ASP B 141 -35.29 -3.70 -0.40
C ASP B 141 -34.62 -5.02 -0.71
N TRP B 142 -35.07 -6.12 -0.08
CA TRP B 142 -34.54 -7.45 -0.33
C TRP B 142 -35.52 -8.35 -1.06
N HIS B 143 -36.62 -7.80 -1.57
CA HIS B 143 -37.69 -8.61 -2.12
C HIS B 143 -37.56 -8.77 -3.64
N GLN B 144 -37.81 -7.70 -4.39
CA GLN B 144 -37.80 -7.77 -5.84
C GLN B 144 -36.92 -6.69 -6.47
N LYS B 145 -35.83 -6.31 -5.80
CA LYS B 145 -34.91 -5.32 -6.34
C LYS B 145 -33.58 -5.96 -6.70
N THR B 146 -32.84 -5.30 -7.59
CA THR B 146 -31.44 -5.64 -7.86
C THR B 146 -30.57 -4.85 -6.88
N GLN B 147 -29.89 -5.57 -5.99
CA GLN B 147 -29.03 -5.01 -4.96
C GLN B 147 -27.72 -5.74 -5.01
N GLY B 148 -26.66 -5.11 -4.52
CA GLY B 148 -25.32 -5.67 -4.57
C GLY B 148 -24.73 -5.83 -3.18
N ILE B 149 -23.91 -6.87 -3.02
CA ILE B 149 -23.27 -7.24 -1.75
C ILE B 149 -21.79 -7.58 -1.99
N TRP B 150 -20.91 -7.04 -1.17
CA TRP B 150 -19.54 -7.55 -1.08
C TRP B 150 -19.36 -8.23 0.27
N LEU B 151 -18.87 -9.47 0.26
CA LEU B 151 -18.60 -10.23 1.47
C LEU B 151 -17.10 -10.32 1.70
N SER B 152 -16.63 -9.82 2.84
CA SER B 152 -15.23 -9.99 3.20
C SER B 152 -14.97 -11.46 3.52
N PRO B 153 -13.70 -11.88 3.51
CA PRO B 153 -13.37 -13.19 4.09
C PRO B 153 -13.59 -13.16 5.59
N LEU B 154 -13.53 -14.35 6.19
CA LEU B 154 -13.47 -14.48 7.64
C LEU B 154 -12.10 -14.04 8.12
N TYR B 155 -12.04 -12.91 8.80
CA TYR B 155 -10.79 -12.38 9.29
C TYR B 155 -10.48 -13.00 10.64
N PRO B 156 -9.36 -13.70 10.81
CA PRO B 156 -9.02 -14.26 12.13
C PRO B 156 -8.53 -13.19 13.09
N ARG B 157 -8.63 -13.50 14.39
CA ARG B 157 -8.05 -12.63 15.39
C ARG B 157 -6.54 -12.79 15.40
N ILE B 158 -5.83 -11.70 15.66
CA ILE B 158 -4.37 -11.77 15.70
C ILE B 158 -3.96 -12.44 17.00
N ALA B 159 -3.07 -13.43 16.90
CA ALA B 159 -2.61 -14.21 18.05
C ALA B 159 -2.22 -13.29 19.21
N ASP B 160 -3.08 -13.19 20.22
CA ASP B 160 -2.87 -12.24 21.31
C ASP B 160 -1.52 -12.48 22.00
N GLY B 161 -0.66 -11.46 21.97
CA GLY B 161 0.74 -11.58 22.26
C GLY B 161 1.63 -11.30 21.07
N THR B 162 1.09 -11.40 19.86
CA THR B 162 1.81 -11.11 18.62
C THR B 162 1.58 -9.67 18.20
N HIS B 163 2.62 -9.04 17.66
CA HIS B 163 2.54 -7.71 17.06
C HIS B 163 2.69 -7.86 15.56
N LYS B 164 1.58 -7.78 14.83
CA LYS B 164 1.61 -7.72 13.39
C LYS B 164 0.58 -6.69 12.95
N SER B 165 0.68 -6.25 11.70
CA SER B 165 -0.21 -5.17 11.27
C SER B 165 -1.62 -5.68 10.96
N GLY B 166 -1.72 -6.92 10.48
CA GLY B 166 -2.98 -7.38 9.93
C GLY B 166 -3.44 -6.63 8.71
N GLU B 167 -2.54 -5.95 8.00
CA GLU B 167 -2.90 -5.07 6.89
C GLU B 167 -2.82 -5.79 5.54
N SER B 168 -3.67 -5.36 4.59
N SER B 168 -3.67 -5.36 4.59
CA SER B 168 -3.71 -5.91 3.24
CA SER B 168 -3.74 -5.89 3.24
C SER B 168 -2.95 -5.03 2.27
C SER B 168 -2.96 -5.03 2.26
N PRO B 169 -2.55 -5.57 1.11
CA PRO B 169 -1.93 -4.73 0.07
C PRO B 169 -2.83 -3.57 -0.38
N THR B 170 -4.14 -3.64 -0.16
CA THR B 170 -5.02 -2.53 -0.55
C THR B 170 -5.24 -1.53 0.59
N HIS B 171 -4.56 -1.70 1.72
CA HIS B 171 -4.66 -0.80 2.87
C HIS B 171 -6.06 -0.77 3.47
N PHE B 172 -6.83 -1.84 3.27
CA PHE B 172 -8.23 -1.85 3.68
C PHE B 172 -8.41 -1.70 5.18
N LYS B 173 -7.53 -2.31 5.98
CA LYS B 173 -7.70 -2.25 7.44
C LYS B 173 -7.58 -0.81 7.94
N ALA B 174 -6.49 -0.13 7.61
CA ALA B 174 -6.34 1.27 8.00
C ALA B 174 -7.43 2.15 7.38
N ASP B 175 -7.83 1.88 6.14
CA ASP B 175 -8.81 2.73 5.48
C ASP B 175 -10.19 2.58 6.13
N LEU B 176 -10.53 1.37 6.55
CA LEU B 176 -11.80 1.16 7.25
C LEU B 176 -11.80 1.86 8.59
N ILE B 177 -10.70 1.72 9.34
CA ILE B 177 -10.60 2.39 10.64
C ILE B 177 -10.72 3.89 10.46
N SER B 178 -10.03 4.44 9.45
N SER B 178 -10.03 4.44 9.44
CA SER B 178 -10.12 5.87 9.17
CA SER B 178 -10.11 5.87 9.17
C SER B 178 -11.54 6.29 8.85
C SER B 178 -11.54 6.31 8.84
N TYR B 179 -12.28 5.47 8.10
CA TYR B 179 -13.67 5.80 7.80
C TYR B 179 -14.49 5.86 9.09
N LEU B 180 -14.30 4.88 9.97
CA LEU B 180 -15.05 4.88 11.23
C LEU B 180 -14.59 6.03 12.13
N MET B 181 -13.32 6.44 12.03
CA MET B 181 -12.82 7.51 12.89
C MET B 181 -13.53 8.82 12.62
N ALA B 182 -13.94 9.05 11.37
CA ALA B 182 -14.61 10.28 11.00
C ALA B 182 -15.94 10.46 11.70
N TYR B 183 -16.53 9.38 12.24
CA TYR B 183 -17.77 9.52 12.99
C TYR B 183 -17.54 10.21 14.32
N ASN B 184 -16.35 10.03 14.90
CA ASN B 184 -16.01 10.58 16.21
C ASN B 184 -17.06 10.16 17.25
N ALA B 185 -17.41 8.87 17.21
CA ALA B 185 -18.50 8.35 18.01
C ALA B 185 -17.98 7.31 18.97
N PRO B 186 -18.35 7.38 20.26
CA PRO B 186 -17.83 6.40 21.23
C PRO B 186 -18.20 4.96 20.90
N SER B 187 -19.41 4.71 20.40
CA SER B 187 -19.78 3.34 20.11
C SER B 187 -18.98 2.76 18.96
N LEU B 188 -18.46 3.61 18.07
CA LEU B 188 -17.67 3.12 16.95
C LEU B 188 -16.18 3.03 17.28
N LYS B 189 -15.70 3.77 18.27
CA LYS B 189 -14.36 3.50 18.76
C LYS B 189 -14.24 2.07 19.28
N GLU B 190 -15.33 1.55 19.86
CA GLU B 190 -15.34 0.15 20.30
C GLU B 190 -15.18 -0.80 19.11
N TRP B 191 -15.80 -0.48 17.98
CA TRP B 191 -15.62 -1.34 16.81
C TRP B 191 -14.25 -1.14 16.15
N ILE B 192 -13.71 0.08 16.21
CA ILE B 192 -12.34 0.29 15.74
C ILE B 192 -11.37 -0.62 16.49
N ASP B 193 -11.54 -0.73 17.81
CA ASP B 193 -10.63 -1.57 18.59
C ASP B 193 -10.78 -3.04 18.25
N VAL B 194 -12.00 -3.49 17.93
CA VAL B 194 -12.21 -4.85 17.43
C VAL B 194 -11.42 -5.06 16.14
N ILE B 195 -11.56 -4.13 15.20
CA ILE B 195 -10.86 -4.28 13.93
C ILE B 195 -9.35 -4.37 14.16
N HIS B 196 -8.81 -3.49 15.01
CA HIS B 196 -7.38 -3.53 15.32
C HIS B 196 -6.91 -4.94 15.69
N LYS B 197 -7.77 -5.71 16.38
CA LYS B 197 -7.36 -7.03 16.86
C LYS B 197 -7.47 -8.13 15.82
N HIS B 198 -7.94 -7.84 14.61
CA HIS B 198 -8.10 -8.88 13.60
C HIS B 198 -7.15 -8.68 12.42
N ASP B 199 -6.90 -9.78 11.71
CA ASP B 199 -6.01 -9.86 10.55
C ASP B 199 -6.85 -9.71 9.27
N LEU B 200 -6.77 -8.54 8.64
CA LEU B 200 -7.52 -8.25 7.42
C LEU B 200 -6.68 -8.35 6.16
N SER B 201 -5.54 -9.05 6.23
CA SER B 201 -4.54 -8.99 5.17
C SER B 201 -5.00 -9.68 3.89
N GLU B 202 -5.99 -10.56 3.97
CA GLU B 202 -6.48 -11.21 2.76
C GLU B 202 -7.38 -10.31 1.91
N THR B 203 -7.65 -9.08 2.33
CA THR B 203 -8.60 -8.24 1.61
C THR B 203 -8.02 -7.77 0.28
N ASN B 204 -8.77 -7.96 -0.81
CA ASN B 204 -8.28 -7.63 -2.15
C ASN B 204 -9.07 -6.49 -2.80
N VAL B 205 -9.92 -5.79 -2.06
CA VAL B 205 -10.63 -4.62 -2.58
C VAL B 205 -10.12 -3.38 -1.87
N TYR B 206 -10.31 -2.23 -2.52
CA TYR B 206 -10.03 -0.92 -1.95
C TYR B 206 -11.32 -0.30 -1.45
N LEU B 207 -11.25 0.32 -0.28
CA LEU B 207 -12.41 1.00 0.28
C LEU B 207 -12.52 2.41 -0.30
N ILE B 208 -13.73 2.78 -0.72
CA ILE B 208 -13.98 4.14 -1.20
C ILE B 208 -15.13 4.70 -0.36
N GLY B 209 -14.80 5.56 0.60
CA GLY B 209 -15.81 6.18 1.44
C GLY B 209 -16.05 7.66 1.15
N SER B 210 -17.22 8.13 1.55
CA SER B 210 -17.51 9.56 1.62
C SER B 210 -17.91 9.85 3.05
N THR B 211 -17.53 11.03 3.53
N THR B 211 -17.46 10.99 3.58
CA THR B 211 -17.90 11.47 4.88
CA THR B 211 -17.85 11.48 4.89
C THR B 211 -18.05 12.98 4.83
C THR B 211 -18.11 12.98 4.77
N PRO B 212 -18.98 13.55 5.61
CA PRO B 212 -19.30 14.97 5.45
C PRO B 212 -18.13 15.85 5.86
N GLY B 213 -17.89 16.89 5.08
CA GLY B 213 -16.94 17.89 5.50
C GLY B 213 -16.44 18.73 4.34
N ARG B 214 -15.42 19.53 4.63
N ARG B 214 -15.40 19.51 4.63
CA ARG B 214 -14.72 20.35 3.65
CA ARG B 214 -14.72 20.36 3.65
C ARG B 214 -13.24 20.01 3.77
C ARG B 214 -13.24 20.03 3.77
N PHE B 215 -12.70 19.38 2.74
CA PHE B 215 -11.37 18.79 2.78
C PHE B 215 -10.43 19.55 1.85
N GLN B 216 -9.25 19.91 2.36
CA GLN B 216 -8.26 20.63 1.59
C GLN B 216 -6.91 19.95 1.77
N GLY B 217 -5.98 20.30 0.87
CA GLY B 217 -4.65 19.75 0.97
C GLY B 217 -4.63 18.25 0.76
N SER B 218 -3.86 17.56 1.61
CA SER B 218 -3.74 16.11 1.50
C SER B 218 -5.09 15.42 1.74
N GLN B 219 -5.83 15.88 2.75
CA GLN B 219 -7.11 15.27 3.11
C GLN B 219 -8.08 15.23 1.94
N LYS B 220 -7.86 16.05 0.91
CA LYS B 220 -8.75 16.06 -0.24
C LYS B 220 -8.83 14.69 -0.91
N ASP B 221 -7.74 13.92 -0.90
CA ASP B 221 -7.69 12.62 -1.55
C ASP B 221 -8.33 11.50 -0.73
N ASN B 222 -8.85 11.79 0.46
CA ASN B 222 -9.31 10.72 1.33
C ASN B 222 -10.70 10.18 0.96
N TRP B 223 -11.52 10.99 0.30
CA TRP B 223 -12.95 10.69 0.18
C TRP B 223 -13.48 11.01 -1.21
N GLY B 224 -14.65 10.45 -1.51
CA GLY B 224 -15.38 10.89 -2.68
C GLY B 224 -14.64 10.65 -3.97
N HIS B 225 -14.91 11.51 -4.95
CA HIS B 225 -14.38 11.19 -6.26
C HIS B 225 -12.88 11.48 -6.34
N PHE B 226 -12.33 12.28 -5.43
CA PHE B 226 -10.87 12.40 -5.37
C PHE B 226 -10.23 11.15 -4.81
N ARG B 227 -10.91 10.45 -3.90
CA ARG B 227 -10.40 9.16 -3.45
C ARG B 227 -10.33 8.18 -4.61
N LEU B 228 -11.39 8.10 -5.41
CA LEU B 228 -11.35 7.25 -6.60
C LEU B 228 -10.19 7.64 -7.50
N LYS B 229 -10.06 8.93 -7.80
CA LYS B 229 -9.01 9.42 -8.69
C LYS B 229 -7.63 9.01 -8.20
N LYS B 230 -7.40 9.14 -6.89
CA LYS B 230 -6.09 8.77 -6.35
C LYS B 230 -5.81 7.28 -6.51
N LEU B 231 -6.82 6.43 -6.27
CA LEU B 231 -6.61 4.99 -6.38
C LEU B 231 -6.36 4.59 -7.83
N LEU B 232 -7.08 5.19 -8.77
CA LEU B 232 -6.90 4.91 -10.18
C LEU B 232 -5.52 5.35 -10.66
N LYS B 233 -5.04 6.49 -10.16
CA LYS B 233 -3.72 6.98 -10.53
C LYS B 233 -2.63 6.05 -10.01
N ASP B 234 -2.71 5.65 -8.74
CA ASP B 234 -1.65 4.88 -8.10
C ASP B 234 -1.69 3.39 -8.41
N HIS B 235 -2.84 2.82 -8.79
CA HIS B 235 -2.98 1.38 -8.86
C HIS B 235 -3.62 0.83 -10.13
N ALA B 236 -3.92 1.68 -11.09
CA ALA B 236 -4.33 1.25 -12.42
C ALA B 236 -3.30 1.75 -13.42
N SER B 237 -3.25 1.10 -14.58
CA SER B 237 -2.35 1.52 -15.65
C SER B 237 -3.17 1.97 -16.85
N SER B 238 -2.70 3.03 -17.52
CA SER B 238 -3.34 3.46 -18.75
C SER B 238 -2.92 2.54 -19.88
N MET B 239 -3.85 2.26 -20.78
CA MET B 239 -3.60 1.43 -21.96
C MET B 239 -3.58 2.31 -23.20
N PRO B 240 -3.11 1.78 -24.33
CA PRO B 240 -3.22 2.57 -25.58
C PRO B 240 -4.69 2.76 -25.93
N ASN B 241 -5.00 3.95 -26.44
CA ASN B 241 -6.37 4.28 -26.86
C ASN B 241 -7.34 4.23 -25.68
N ALA B 242 -6.87 4.67 -24.51
CA ALA B 242 -7.75 4.76 -23.34
C ALA B 242 -8.92 5.70 -23.58
N GLU B 243 -8.77 6.69 -24.47
CA GLU B 243 -9.85 7.60 -24.79
C GLU B 243 -11.08 6.88 -25.34
N SER B 244 -10.92 5.64 -25.78
CA SER B 244 -12.00 4.85 -26.35
C SER B 244 -12.67 3.93 -25.36
N TRP B 245 -12.12 3.82 -24.14
CA TRP B 245 -12.74 3.02 -23.08
C TRP B 245 -13.81 3.86 -22.40
N PRO B 246 -15.08 3.50 -22.54
CA PRO B 246 -16.15 4.29 -21.93
C PRO B 246 -16.11 4.25 -20.41
N VAL B 247 -16.82 5.19 -19.81
CA VAL B 247 -17.15 5.16 -18.39
C VAL B 247 -18.64 4.88 -18.29
N VAL B 248 -19.02 3.97 -17.40
CA VAL B 248 -20.41 3.61 -17.16
C VAL B 248 -20.75 3.95 -15.71
N GLY B 249 -21.83 4.69 -15.50
CA GLY B 249 -22.34 4.96 -14.17
C GLY B 249 -23.79 4.50 -14.13
N GLN B 250 -24.16 3.84 -13.03
CA GLN B 250 -25.46 3.16 -12.90
C GLN B 250 -25.97 3.42 -11.49
N PHE B 251 -27.16 4.03 -11.37
CA PHE B 251 -27.54 4.61 -10.08
C PHE B 251 -29.05 4.55 -9.93
N SER B 252 -29.53 4.92 -8.73
CA SER B 252 -30.96 4.93 -8.49
C SER B 252 -31.53 6.30 -8.18
N SER B 253 -30.69 7.35 -8.18
CA SER B 253 -31.15 8.71 -7.99
C SER B 253 -30.10 9.67 -8.54
N VAL B 254 -30.55 10.89 -8.85
CA VAL B 254 -29.70 11.95 -9.38
C VAL B 254 -29.92 13.22 -8.59
N GLY B 255 -28.83 13.90 -8.21
CA GLY B 255 -28.93 15.21 -7.60
C GLY B 255 -28.92 16.31 -8.64
N SER B 256 -28.94 17.55 -8.16
N SER B 256 -28.93 17.55 -8.15
CA SER B 256 -28.83 18.71 -9.04
CA SER B 256 -28.81 18.71 -9.02
C SER B 256 -27.38 18.87 -9.46
C SER B 256 -27.37 18.86 -9.45
N LEU B 257 -27.11 18.73 -10.75
CA LEU B 257 -25.75 18.71 -11.28
C LEU B 257 -25.30 20.03 -11.87
N GLY B 258 -26.21 20.99 -12.07
CA GLY B 258 -25.88 22.28 -12.66
C GLY B 258 -26.59 22.51 -13.97
N ALA B 259 -26.38 23.72 -14.50
CA ALA B 259 -27.10 24.20 -15.68
C ALA B 259 -26.61 23.56 -16.97
N ASP B 260 -25.42 22.99 -16.99
CA ASP B 260 -24.95 22.21 -18.13
C ASP B 260 -23.89 21.23 -17.63
N GLU B 261 -23.37 20.42 -18.55
CA GLU B 261 -22.49 19.33 -18.15
C GLU B 261 -21.14 19.83 -17.65
N SER B 262 -20.73 21.03 -18.04
CA SER B 262 -19.42 21.55 -17.64
C SER B 262 -19.37 22.01 -16.19
N LYS B 263 -20.52 22.11 -15.51
CA LYS B 263 -20.50 22.63 -14.15
C LYS B 263 -19.94 21.62 -13.16
N TRP B 264 -20.08 20.32 -13.44
CA TRP B 264 -19.59 19.31 -12.51
C TRP B 264 -19.42 17.95 -13.17
N LEU B 265 -20.43 17.52 -13.93
CA LEU B 265 -20.47 16.15 -14.44
C LEU B 265 -19.27 15.85 -15.34
N CYS B 266 -19.17 16.57 -16.46
CA CYS B 266 -18.14 16.30 -17.45
C CYS B 266 -16.89 17.12 -17.23
N SER B 267 -16.84 17.91 -16.16
CA SER B 267 -15.60 18.53 -15.74
C SER B 267 -14.98 17.66 -14.64
N GLU B 268 -15.37 17.89 -13.38
CA GLU B 268 -14.61 17.29 -12.29
C GLU B 268 -14.96 15.81 -12.06
N PHE B 269 -16.24 15.44 -12.12
CA PHE B 269 -16.61 14.05 -11.84
C PHE B 269 -16.06 13.10 -12.90
N LYS B 270 -16.34 13.37 -14.17
CA LYS B 270 -15.85 12.50 -15.24
C LYS B 270 -14.33 12.49 -15.31
N GLU B 271 -13.69 13.61 -14.98
CA GLU B 271 -12.23 13.65 -14.99
C GLU B 271 -11.64 12.67 -14.00
N SER B 272 -12.24 12.58 -12.81
CA SER B 272 -11.80 11.58 -11.84
C SER B 272 -12.03 10.17 -12.37
N MET B 273 -13.22 9.92 -12.93
CA MET B 273 -13.57 8.59 -13.41
C MET B 273 -12.71 8.14 -14.58
N LEU B 274 -12.18 9.09 -15.37
N LEU B 274 -12.18 9.08 -15.37
CA LEU B 274 -11.35 8.76 -16.52
CA LEU B 274 -11.37 8.69 -16.52
C LEU B 274 -9.94 8.36 -16.14
C LEU B 274 -9.90 8.51 -16.19
N THR B 275 -9.51 8.74 -14.95
CA THR B 275 -8.10 8.63 -14.57
C THR B 275 -7.60 7.18 -14.66
N LEU B 276 -6.40 7.02 -15.22
CA LEU B 276 -5.72 5.73 -15.27
C LEU B 276 -4.22 5.98 -15.26
N GLY B 277 -3.54 5.53 -14.22
CA GLY B 277 -2.09 5.69 -14.19
C GLY B 277 -1.66 7.08 -13.76
N LYS B 278 -0.33 7.28 -13.80
CA LYS B 278 0.29 8.45 -13.19
C LYS B 278 0.70 9.54 -14.17
N GLU B 279 0.66 9.28 -15.48
CA GLU B 279 1.14 10.25 -16.45
C GLU B 279 0.08 11.30 -16.79
N SER B 280 0.07 11.80 -18.01
CA SER B 280 -0.92 12.79 -18.43
C SER B 280 -1.20 12.75 -19.93
N SER B 286 -12.42 16.26 -22.99
CA SER B 286 -12.28 14.82 -23.23
C SER B 286 -13.42 14.28 -24.08
N SER B 287 -13.12 13.27 -24.89
CA SER B 287 -14.10 12.64 -25.77
C SER B 287 -14.37 11.20 -25.38
N VAL B 288 -14.22 10.88 -24.10
CA VAL B 288 -14.53 9.53 -23.62
C VAL B 288 -16.04 9.39 -23.51
N PRO B 289 -16.63 8.34 -24.08
CA PRO B 289 -18.09 8.17 -23.99
C PRO B 289 -18.53 7.90 -22.56
N LEU B 290 -19.61 8.57 -22.15
CA LEU B 290 -20.16 8.43 -20.81
C LEU B 290 -21.57 7.86 -20.92
N TYR B 291 -21.76 6.65 -20.40
CA TYR B 291 -23.05 5.95 -20.38
C TYR B 291 -23.61 6.02 -18.97
N LEU B 292 -24.82 6.55 -18.81
CA LEU B 292 -25.48 6.60 -17.52
C LEU B 292 -26.72 5.73 -17.58
N ILE B 293 -26.82 4.75 -16.68
CA ILE B 293 -27.92 3.77 -16.69
C ILE B 293 -28.89 4.14 -15.58
N TYR B 294 -30.15 4.39 -15.95
CA TYR B 294 -31.17 4.80 -14.99
C TYR B 294 -32.54 4.40 -15.52
N PRO B 295 -33.40 3.78 -14.70
CA PRO B 295 -34.67 3.25 -15.22
C PRO B 295 -35.52 4.32 -15.89
N SER B 296 -36.04 3.99 -17.08
CA SER B 296 -37.06 4.79 -17.72
C SER B 296 -38.41 4.56 -17.03
N VAL B 297 -39.38 5.41 -17.38
CA VAL B 297 -40.75 5.18 -16.90
C VAL B 297 -41.23 3.81 -17.32
N GLU B 298 -40.93 3.40 -18.56
N GLU B 298 -40.94 3.40 -18.56
CA GLU B 298 -41.38 2.11 -19.05
CA GLU B 298 -41.40 2.10 -19.03
C GLU B 298 -40.73 0.96 -18.28
C GLU B 298 -40.73 0.95 -18.28
N ASN B 299 -39.44 1.09 -17.94
CA ASN B 299 -38.77 0.09 -17.10
C ASN B 299 -39.52 -0.08 -15.79
N VAL B 300 -39.91 1.02 -15.16
CA VAL B 300 -40.58 0.95 -13.87
C VAL B 300 -42.00 0.40 -14.03
N ARG B 301 -42.73 0.89 -15.05
CA ARG B 301 -44.12 0.48 -15.27
C ARG B 301 -44.26 -1.04 -15.37
N THR B 302 -43.38 -1.69 -16.14
CA THR B 302 -43.49 -3.13 -16.34
C THR B 302 -42.59 -3.94 -15.41
N SER B 303 -42.07 -3.33 -14.34
CA SER B 303 -41.25 -4.08 -13.40
C SER B 303 -42.09 -5.07 -12.58
N LEU B 304 -41.38 -5.91 -11.81
CA LEU B 304 -42.04 -6.84 -10.91
C LEU B 304 -42.94 -6.12 -9.91
N GLU B 305 -42.47 -4.97 -9.41
CA GLU B 305 -43.27 -4.21 -8.45
C GLU B 305 -44.28 -3.29 -9.11
N GLY B 306 -44.09 -2.96 -10.39
CA GLY B 306 -44.87 -1.92 -11.03
C GLY B 306 -44.40 -0.54 -10.59
N TYR B 307 -45.32 0.42 -10.67
CA TYR B 307 -44.97 1.79 -10.32
C TYR B 307 -44.42 1.95 -8.90
N PRO B 308 -44.84 1.16 -7.89
CA PRO B 308 -44.27 1.36 -6.54
C PRO B 308 -42.76 1.10 -6.47
N ALA B 309 -42.15 0.44 -7.45
CA ALA B 309 -40.70 0.39 -7.49
C ALA B 309 -40.11 1.80 -7.54
N GLY B 310 -40.84 2.73 -8.16
CA GLY B 310 -40.45 4.11 -8.29
C GLY B 310 -40.42 4.88 -6.97
N GLY B 311 -40.97 4.31 -5.90
CA GLY B 311 -40.79 4.91 -4.59
C GLY B 311 -39.36 4.88 -4.10
N SER B 312 -38.51 4.08 -4.73
CA SER B 312 -37.10 3.95 -4.37
C SER B 312 -36.19 4.48 -5.46
N LEU B 313 -36.74 5.28 -6.38
CA LEU B 313 -36.00 5.95 -7.44
C LEU B 313 -36.33 7.43 -7.36
N PRO B 314 -35.81 8.15 -6.30
CA PRO B 314 -36.35 9.46 -5.93
C PRO B 314 -35.78 10.65 -6.72
N TYR B 315 -35.86 10.56 -8.04
CA TYR B 315 -35.54 11.68 -8.92
C TYR B 315 -36.75 12.60 -9.02
N SER B 316 -36.60 13.84 -8.53
CA SER B 316 -37.71 14.77 -8.44
C SER B 316 -37.82 15.63 -9.69
N ILE B 317 -39.05 16.04 -9.99
CA ILE B 317 -39.30 16.89 -11.16
C ILE B 317 -38.63 18.25 -10.98
N GLN B 318 -38.54 18.74 -9.74
CA GLN B 318 -37.85 20.00 -9.47
C GLN B 318 -36.40 19.93 -9.93
N THR B 319 -35.72 18.83 -9.62
CA THR B 319 -34.34 18.66 -10.06
C THR B 319 -34.26 18.42 -11.57
N ALA B 320 -35.06 17.48 -12.08
CA ALA B 320 -34.95 17.07 -13.47
C ALA B 320 -35.18 18.23 -14.43
N GLU B 321 -36.15 19.10 -14.12
CA GLU B 321 -36.52 20.13 -15.09
C GLU B 321 -35.41 21.17 -15.26
N LYS B 322 -34.50 21.25 -14.29
CA LYS B 322 -33.36 22.16 -14.37
C LYS B 322 -32.19 21.59 -15.16
N GLN B 323 -32.22 20.31 -15.51
CA GLN B 323 -31.07 19.67 -16.13
C GLN B 323 -31.51 18.69 -17.22
N ASN B 324 -32.35 19.14 -18.13
CA ASN B 324 -32.76 18.24 -19.20
C ASN B 324 -31.62 17.87 -20.12
N TRP B 325 -30.54 18.66 -20.14
CA TRP B 325 -29.36 18.25 -20.90
C TRP B 325 -28.86 16.88 -20.48
N LEU B 326 -29.04 16.52 -19.21
CA LEU B 326 -28.49 15.27 -18.68
C LEU B 326 -29.13 14.04 -19.34
N HIS B 327 -30.38 14.15 -19.77
CA HIS B 327 -31.13 12.95 -20.13
C HIS B 327 -30.68 12.35 -21.47
N SER B 328 -29.96 13.12 -22.29
N SER B 328 -29.96 13.12 -22.29
CA SER B 328 -29.38 12.55 -23.50
CA SER B 328 -29.38 12.54 -23.50
C SER B 328 -28.31 11.50 -23.20
C SER B 328 -28.31 11.50 -23.20
N TYR B 329 -27.83 11.45 -21.96
CA TYR B 329 -26.85 10.46 -21.52
C TYR B 329 -27.50 9.17 -21.01
N PHE B 330 -28.82 9.11 -20.92
CA PHE B 330 -29.48 8.06 -20.14
C PHE B 330 -29.73 6.80 -20.96
N HIS B 331 -29.45 5.65 -20.36
CA HIS B 331 -29.65 4.34 -20.97
C HIS B 331 -30.57 3.51 -20.09
N LYS B 332 -31.34 2.62 -20.73
CA LYS B 332 -32.32 1.79 -20.03
C LYS B 332 -31.67 0.80 -19.07
N TRP B 333 -32.43 0.40 -18.05
CA TRP B 333 -32.07 -0.76 -17.24
C TRP B 333 -32.38 -2.04 -18.01
N SER B 334 -31.37 -2.89 -18.14
CA SER B 334 -31.56 -4.19 -18.78
C SER B 334 -30.59 -5.16 -18.11
N ALA B 335 -31.09 -6.34 -17.73
CA ALA B 335 -30.27 -7.27 -16.95
C ALA B 335 -30.65 -8.71 -17.28
N GLU B 336 -30.82 -8.99 -18.58
CA GLU B 336 -31.05 -10.37 -19.01
C GLU B 336 -29.96 -11.31 -18.50
N THR B 337 -28.72 -10.82 -18.44
CA THR B 337 -27.61 -11.64 -17.98
C THR B 337 -27.88 -12.25 -16.60
N SER B 338 -28.63 -11.56 -15.73
CA SER B 338 -28.90 -12.09 -14.40
C SER B 338 -30.40 -12.29 -14.16
N GLY B 339 -31.20 -12.32 -15.21
CA GLY B 339 -32.64 -12.48 -15.07
C GLY B 339 -33.36 -11.36 -14.37
N ARG B 340 -32.79 -10.14 -14.36
CA ARG B 340 -33.26 -9.08 -13.46
C ARG B 340 -33.72 -7.84 -14.21
N SER B 341 -34.09 -7.95 -15.49
CA SER B 341 -34.55 -6.78 -16.21
C SER B 341 -35.79 -6.19 -15.56
N ASN B 342 -36.57 -7.00 -14.85
CA ASN B 342 -37.77 -6.49 -14.20
C ASN B 342 -37.60 -6.24 -12.71
N ALA B 343 -36.39 -6.41 -12.18
CA ALA B 343 -36.09 -6.13 -10.77
C ALA B 343 -35.35 -4.80 -10.72
N MET B 344 -36.05 -3.73 -10.33
CA MET B 344 -35.50 -2.40 -10.52
C MET B 344 -34.24 -2.23 -9.67
N PRO B 345 -33.24 -1.50 -10.15
CA PRO B 345 -31.96 -1.44 -9.44
C PRO B 345 -32.02 -0.50 -8.22
N HIS B 346 -31.54 -0.98 -7.10
CA HIS B 346 -31.15 -0.10 -5.99
C HIS B 346 -29.64 -0.21 -5.74
N ILE B 347 -28.98 -1.15 -6.40
CA ILE B 347 -27.52 -1.16 -6.48
C ILE B 347 -27.05 0.11 -7.20
N LYS B 348 -25.82 0.54 -6.88
CA LYS B 348 -25.12 1.56 -7.66
C LYS B 348 -23.75 1.01 -8.04
N THR B 349 -23.38 1.18 -9.30
CA THR B 349 -22.11 0.67 -9.79
C THR B 349 -21.50 1.65 -10.77
N TYR B 350 -20.18 1.61 -10.85
CA TYR B 350 -19.43 2.43 -11.80
C TYR B 350 -18.29 1.57 -12.32
N MET B 351 -17.98 1.69 -13.62
CA MET B 351 -16.98 0.80 -14.18
C MET B 351 -16.43 1.37 -15.48
N ARG B 352 -15.35 0.76 -15.97
CA ARG B 352 -14.58 1.29 -17.11
C ARG B 352 -14.39 0.17 -18.14
N PRO B 353 -15.39 -0.06 -18.99
CA PRO B 353 -15.28 -1.15 -19.97
C PRO B 353 -14.36 -0.82 -21.14
N SER B 354 -13.93 -1.87 -21.83
CA SER B 354 -13.20 -1.73 -23.09
C SER B 354 -14.17 -1.25 -24.17
N PRO B 355 -13.66 -0.79 -25.31
CA PRO B 355 -14.55 -0.26 -26.36
C PRO B 355 -15.58 -1.26 -26.87
N ASP B 356 -15.29 -2.56 -26.84
CA ASP B 356 -16.27 -3.56 -27.23
C ASP B 356 -16.94 -4.23 -26.03
N PHE B 357 -16.72 -3.72 -24.82
CA PHE B 357 -17.40 -4.15 -23.60
C PHE B 357 -17.07 -5.59 -23.21
N SER B 358 -16.00 -6.17 -23.75
CA SER B 358 -15.63 -7.52 -23.38
C SER B 358 -14.73 -7.57 -22.15
N LYS B 359 -14.11 -6.45 -21.79
CA LYS B 359 -13.22 -6.34 -20.65
C LYS B 359 -13.59 -5.10 -19.84
N ILE B 360 -13.12 -5.03 -18.60
CA ILE B 360 -13.25 -3.83 -17.78
C ILE B 360 -11.93 -3.55 -17.06
N ALA B 361 -11.59 -2.27 -16.93
CA ALA B 361 -10.37 -1.87 -16.24
C ALA B 361 -10.56 -1.78 -14.73
N TRP B 362 -11.81 -1.66 -14.26
CA TRP B 362 -12.10 -1.64 -12.83
C TRP B 362 -13.62 -1.63 -12.66
N PHE B 363 -14.05 -1.87 -11.43
CA PHE B 363 -15.48 -2.00 -11.12
C PHE B 363 -15.68 -1.53 -9.69
N LEU B 364 -16.69 -0.67 -9.49
CA LEU B 364 -17.01 -0.13 -8.17
C LEU B 364 -18.47 -0.43 -7.84
N VAL B 365 -18.74 -0.98 -6.66
CA VAL B 365 -20.10 -1.09 -6.15
C VAL B 365 -20.17 -0.22 -4.90
N THR B 366 -21.22 0.61 -4.81
CA THR B 366 -21.23 1.63 -3.77
C THR B 366 -22.66 1.99 -3.42
N SER B 367 -22.82 2.71 -2.31
CA SER B 367 -24.08 3.37 -2.01
C SER B 367 -24.27 4.69 -2.74
N ALA B 368 -23.21 5.24 -3.36
CA ALA B 368 -23.23 6.62 -3.86
C ALA B 368 -23.99 6.74 -5.18
N ASN B 369 -25.07 7.52 -5.15
CA ASN B 369 -25.81 7.91 -6.34
C ASN B 369 -25.04 9.00 -7.10
N LEU B 370 -25.62 9.44 -8.20
CA LEU B 370 -25.00 10.47 -9.05
C LEU B 370 -25.37 11.85 -8.49
N SER B 371 -24.60 12.29 -7.51
CA SER B 371 -24.88 13.57 -6.87
C SER B 371 -23.60 14.18 -6.35
N LYS B 372 -23.56 15.51 -6.30
CA LYS B 372 -22.48 16.22 -5.62
C LYS B 372 -22.46 15.90 -4.14
N ALA B 373 -23.62 15.70 -3.52
CA ALA B 373 -23.67 15.41 -2.10
C ALA B 373 -22.91 14.14 -1.76
N ALA B 374 -22.96 13.14 -2.65
CA ALA B 374 -22.35 11.85 -2.37
C ALA B 374 -20.89 11.81 -2.76
N TRP B 375 -20.54 12.42 -3.88
CA TRP B 375 -19.22 12.29 -4.46
C TRP B 375 -18.29 13.47 -4.14
N GLY B 376 -18.86 14.61 -3.76
CA GLY B 376 -18.10 15.80 -3.45
C GLY B 376 -18.11 16.81 -4.58
N ALA B 377 -17.98 18.09 -4.22
CA ALA B 377 -17.87 19.17 -5.19
C ALA B 377 -16.81 20.16 -4.72
N LEU B 378 -15.94 20.56 -5.64
CA LEU B 378 -14.85 21.47 -5.29
C LEU B 378 -15.37 22.86 -4.97
N GLU B 379 -14.75 23.50 -3.97
CA GLU B 379 -15.07 24.85 -3.55
C GLU B 379 -13.78 25.65 -3.38
N LYS B 380 -13.96 26.95 -3.12
CA LYS B 380 -12.86 27.89 -2.85
C LYS B 380 -11.76 27.78 -3.91
N ASN B 381 -12.17 27.96 -5.16
CA ASN B 381 -11.28 27.95 -6.31
C ASN B 381 -10.47 26.65 -6.38
N GLY B 382 -11.18 25.53 -6.22
CA GLY B 382 -10.57 24.23 -6.39
C GLY B 382 -9.73 23.76 -5.23
N THR B 383 -9.80 24.41 -4.08
CA THR B 383 -8.94 24.07 -2.95
C THR B 383 -9.61 23.17 -1.92
N GLN B 384 -10.94 23.20 -1.84
CA GLN B 384 -11.70 22.39 -0.88
C GLN B 384 -12.63 21.44 -1.62
N LEU B 385 -12.71 20.20 -1.13
CA LEU B 385 -13.73 19.24 -1.59
C LEU B 385 -14.80 19.16 -0.52
N MET B 386 -16.03 19.59 -0.86
CA MET B 386 -17.14 19.59 0.06
C MET B 386 -18.03 18.37 -0.19
N ILE B 387 -18.22 17.56 0.84
CA ILE B 387 -19.08 16.39 0.78
C ILE B 387 -20.15 16.55 1.86
N ARG B 388 -21.39 16.15 1.55
CA ARG B 388 -22.49 16.29 2.48
C ARG B 388 -22.85 14.99 3.21
N SER B 389 -22.58 13.83 2.63
CA SER B 389 -23.18 12.58 3.08
C SER B 389 -22.13 11.54 3.45
N TYR B 390 -22.58 10.53 4.20
CA TYR B 390 -21.80 9.31 4.39
C TYR B 390 -22.16 8.33 3.27
N GLU B 391 -21.14 7.79 2.60
CA GLU B 391 -21.31 6.80 1.53
C GLU B 391 -20.17 5.78 1.63
N LEU B 392 -20.37 4.62 1.01
CA LEU B 392 -19.32 3.61 1.10
C LEU B 392 -19.46 2.60 -0.04
N GLY B 393 -18.32 2.21 -0.61
CA GLY B 393 -18.28 1.20 -1.65
C GLY B 393 -16.93 0.53 -1.65
N VAL B 394 -16.79 -0.49 -2.51
CA VAL B 394 -15.51 -1.20 -2.66
C VAL B 394 -15.15 -1.24 -4.13
N LEU B 395 -13.86 -1.06 -4.41
CA LEU B 395 -13.32 -1.00 -5.76
C LEU B 395 -12.52 -2.26 -6.06
N PHE B 396 -12.83 -2.89 -7.20
CA PHE B 396 -12.12 -4.04 -7.73
C PHE B 396 -11.15 -3.54 -8.79
N LEU B 397 -9.84 -3.66 -8.53
CA LEU B 397 -8.82 -3.32 -9.53
C LEU B 397 -8.07 -4.55 -9.98
N PRO B 398 -7.87 -4.75 -11.30
CA PRO B 398 -7.18 -5.95 -11.77
C PRO B 398 -5.83 -6.19 -11.11
N SER B 399 -5.06 -5.13 -10.83
CA SER B 399 -3.75 -5.30 -10.20
C SER B 399 -3.85 -5.99 -8.84
N ALA B 400 -4.95 -5.78 -8.11
CA ALA B 400 -5.10 -6.41 -6.80
C ALA B 400 -5.32 -7.90 -6.91
N PHE B 401 -5.57 -8.39 -8.12
CA PHE B 401 -5.78 -9.80 -8.40
C PHE B 401 -4.70 -10.36 -9.33
N GLY B 402 -3.65 -9.59 -9.58
CA GLY B 402 -2.58 -10.05 -10.45
C GLY B 402 -2.95 -10.07 -11.92
N LEU B 403 -3.89 -9.22 -12.32
CA LEU B 403 -4.38 -9.17 -13.69
C LEU B 403 -4.15 -7.79 -14.28
N ASP B 404 -4.21 -7.72 -15.62
CA ASP B 404 -4.15 -6.44 -16.30
C ASP B 404 -5.54 -5.88 -16.56
N SER B 405 -6.54 -6.75 -16.67
CA SER B 405 -7.94 -6.35 -16.79
C SER B 405 -8.81 -7.53 -16.39
N PHE B 406 -10.10 -7.27 -16.21
CA PHE B 406 -11.08 -8.32 -15.96
C PHE B 406 -11.81 -8.65 -17.27
N LYS B 407 -11.97 -9.93 -17.55
CA LYS B 407 -12.93 -10.36 -18.56
C LYS B 407 -14.34 -10.23 -18.00
N VAL B 408 -15.28 -9.87 -18.86
CA VAL B 408 -16.67 -9.72 -18.43
C VAL B 408 -17.36 -11.08 -18.52
N LYS B 409 -17.96 -11.52 -17.41
CA LYS B 409 -18.66 -12.79 -17.34
C LYS B 409 -19.88 -12.78 -18.26
N GLN B 410 -19.99 -13.77 -19.14
CA GLN B 410 -20.94 -13.67 -20.24
C GLN B 410 -22.37 -13.87 -19.75
N LYS B 411 -22.60 -14.84 -18.87
CA LYS B 411 -23.85 -14.96 -18.14
C LYS B 411 -23.54 -14.92 -16.65
N PHE B 412 -24.27 -14.06 -15.92
CA PHE B 412 -23.91 -13.73 -14.53
C PHE B 412 -23.82 -14.98 -13.65
N PHE B 413 -24.74 -15.94 -13.83
CA PHE B 413 -24.82 -17.12 -12.98
C PHE B 413 -24.22 -18.36 -13.63
N ALA B 414 -23.59 -18.23 -14.80
CA ALA B 414 -23.01 -19.37 -15.49
C ALA B 414 -21.63 -19.70 -14.94
N GLY B 415 -20.99 -20.71 -15.53
CA GLY B 415 -19.68 -21.15 -15.09
C GLY B 415 -18.53 -20.54 -15.87
N PRO B 419 -12.92 -18.72 -16.77
CA PRO B 419 -12.75 -19.12 -15.36
C PRO B 419 -12.40 -17.95 -14.44
N MET B 420 -12.89 -18.02 -13.19
CA MET B 420 -12.48 -17.19 -12.05
C MET B 420 -12.08 -15.76 -12.37
N ALA B 421 -11.15 -15.55 -13.31
CA ALA B 421 -10.63 -14.23 -13.67
C ALA B 421 -11.64 -13.36 -14.42
N THR B 422 -12.92 -13.74 -14.39
CA THR B 422 -13.96 -13.03 -15.12
C THR B 422 -14.93 -12.39 -14.13
N PHE B 423 -15.21 -11.11 -14.34
CA PHE B 423 -15.97 -10.36 -13.33
C PHE B 423 -17.46 -10.43 -13.64
N PRO B 424 -18.31 -10.75 -12.65
CA PRO B 424 -19.77 -10.84 -12.85
C PRO B 424 -20.49 -9.50 -12.87
N VAL B 425 -20.47 -8.83 -14.02
CA VAL B 425 -21.24 -7.61 -14.22
C VAL B 425 -22.72 -7.94 -14.21
N PRO B 426 -23.54 -7.34 -13.34
CA PRO B 426 -24.92 -7.81 -13.17
C PRO B 426 -25.94 -7.32 -14.19
N TYR B 427 -25.60 -6.42 -15.10
CA TYR B 427 -26.53 -5.96 -16.12
C TYR B 427 -25.88 -6.09 -17.49
N ASP B 428 -26.69 -5.79 -18.51
CA ASP B 428 -26.32 -6.11 -19.90
C ASP B 428 -25.42 -5.04 -20.50
N LEU B 429 -24.47 -5.49 -21.33
CA LEU B 429 -23.60 -4.61 -22.08
C LEU B 429 -23.71 -4.96 -23.57
N PRO B 430 -23.62 -3.97 -24.46
CA PRO B 430 -23.54 -2.55 -24.13
C PRO B 430 -24.89 -2.04 -23.62
N PRO B 431 -24.90 -0.95 -22.86
CA PRO B 431 -26.17 -0.36 -22.44
C PRO B 431 -26.92 0.19 -23.64
N GLU B 432 -28.25 0.19 -23.54
CA GLU B 432 -29.12 0.62 -24.63
C GLU B 432 -29.66 2.02 -24.36
N LEU B 433 -29.46 2.92 -25.33
CA LEU B 433 -29.92 4.29 -25.18
C LEU B 433 -31.45 4.33 -25.06
N TYR B 434 -31.96 5.31 -24.30
CA TYR B 434 -33.39 5.59 -24.28
C TYR B 434 -33.89 5.79 -25.71
N GLY B 435 -35.10 5.32 -25.99
CA GLY B 435 -35.77 5.68 -27.22
C GLY B 435 -36.30 7.10 -27.19
N SER B 436 -36.72 7.60 -28.35
CA SER B 436 -37.18 8.98 -28.43
C SER B 436 -38.42 9.22 -27.58
N LYS B 437 -39.19 8.16 -27.31
CA LYS B 437 -40.38 8.28 -26.48
C LYS B 437 -40.12 8.06 -25.01
N ASP B 438 -38.96 7.51 -24.66
CA ASP B 438 -38.66 7.21 -23.26
C ASP B 438 -38.38 8.49 -22.47
N ARG B 439 -38.66 8.43 -21.17
CA ARG B 439 -38.39 9.50 -20.22
C ARG B 439 -37.81 8.89 -18.95
N PRO B 440 -36.93 9.61 -18.25
CA PRO B 440 -36.43 9.10 -16.97
C PRO B 440 -37.57 8.95 -15.98
N TRP B 441 -37.49 7.93 -15.13
CA TRP B 441 -38.45 7.84 -14.05
C TRP B 441 -38.29 9.06 -13.13
N ILE B 442 -39.39 9.78 -12.92
CA ILE B 442 -39.45 10.91 -12.01
C ILE B 442 -40.54 10.59 -10.99
N TRP B 443 -40.19 10.59 -9.72
CA TRP B 443 -41.05 9.88 -8.77
C TRP B 443 -42.25 10.69 -8.32
N ASN B 444 -42.22 12.02 -8.44
CA ASN B 444 -43.25 12.86 -7.85
C ASN B 444 -44.13 13.56 -8.90
N ILE B 445 -44.31 12.94 -10.05
CA ILE B 445 -45.35 13.32 -11.01
C ILE B 445 -46.24 12.10 -11.22
N PRO B 446 -47.48 12.30 -11.66
CA PRO B 446 -48.37 11.16 -11.84
C PRO B 446 -48.21 10.47 -13.19
N TYR B 447 -48.45 9.17 -13.19
CA TYR B 447 -48.50 8.37 -14.40
C TYR B 447 -49.88 7.72 -14.44
N VAL B 448 -50.79 8.30 -15.22
CA VAL B 448 -52.18 7.87 -15.21
C VAL B 448 -52.68 7.41 -16.58
N LYS B 449 -51.81 7.32 -17.59
CA LYS B 449 -52.26 6.94 -18.91
C LYS B 449 -52.06 5.46 -19.22
N ALA B 450 -51.15 4.78 -18.52
CA ALA B 450 -50.90 3.38 -18.79
C ALA B 450 -50.77 2.61 -17.48
N PRO B 451 -51.61 1.61 -17.25
CA PRO B 451 -51.51 0.84 -16.01
C PRO B 451 -50.22 0.04 -15.97
N ASP B 452 -49.77 -0.27 -14.75
CA ASP B 452 -48.52 -1.00 -14.56
C ASP B 452 -48.78 -2.51 -14.46
N THR B 453 -47.73 -3.24 -14.06
CA THR B 453 -47.78 -4.70 -13.92
C THR B 453 -49.00 -5.18 -13.15
N HIS B 454 -49.43 -4.45 -12.13
CA HIS B 454 -50.50 -4.88 -11.26
C HIS B 454 -51.81 -4.16 -11.56
N GLY B 455 -51.90 -3.51 -12.71
CA GLY B 455 -53.13 -2.85 -13.11
C GLY B 455 -53.35 -1.50 -12.47
N ASN B 456 -52.31 -0.87 -11.94
CA ASN B 456 -52.45 0.32 -11.12
C ASN B 456 -51.84 1.54 -11.82
N MET B 457 -52.31 2.71 -11.38
CA MET B 457 -51.73 3.98 -11.76
C MET B 457 -50.86 4.51 -10.61
N TRP B 458 -50.09 5.56 -10.91
CA TRP B 458 -49.20 6.17 -9.93
C TRP B 458 -49.59 7.62 -9.68
N VAL B 459 -50.01 7.92 -8.46
CA VAL B 459 -50.46 9.26 -8.08
C VAL B 459 -49.79 9.66 -6.77
N PRO B 460 -48.65 10.39 -6.79
CA PRO B 460 -47.93 10.77 -5.56
C PRO B 460 -48.68 11.74 -4.67
C4 GJP C . 34.69 1.31 -2.42
C5 GJP C . 35.92 1.93 -2.73
C6 GJP C . 37.03 1.70 -1.95
C7 GJP C . 36.97 0.85 -0.86
C8 GJP C . 35.76 0.23 -0.54
C9 GJP C . 34.62 0.47 -1.33
C10 GJP C . 33.39 -0.15 -1.03
C3 GJP C . 32.44 0.98 -2.92
N GJP C . 33.60 1.54 -3.18
C1 GJP C . 30.91 -0.52 -1.55
C2 GJP C . 32.27 0.11 -1.85
O1 GJP C . 29.84 0.10 -1.81
O2 GJP C . 30.87 -1.66 -1.02
O3 GJP C . 33.31 -1.02 0.07
C1 EDO D . 19.08 4.79 -0.81
O1 EDO D . 18.11 4.47 -1.81
C2 EDO D . 18.69 4.19 0.54
O2 EDO D . 18.53 2.76 0.47
C1 EDO E . 1.06 -12.00 -10.51
O1 EDO E . 1.03 -12.42 -9.14
C2 EDO E . 1.43 -10.53 -10.57
O2 EDO E . 2.78 -10.39 -10.13
C4 GJP F . -34.12 7.76 -0.27
C5 GJP F . -35.19 8.68 -0.32
C6 GJP F . -36.38 8.33 -0.95
C7 GJP F . -36.50 7.07 -1.53
C8 GJP F . -35.45 6.16 -1.48
C9 GJP F . -34.24 6.51 -0.84
C10 GJP F . -33.15 5.62 -0.76
C3 GJP F . -31.94 7.30 0.44
N GJP F . -32.98 8.12 0.35
C1 GJP F . -30.74 5.10 0.04
C2 GJP F . -31.97 6.02 -0.10
O1 GJP F . -30.89 3.88 0.31
O2 GJP F . -29.57 5.56 -0.12
O3 GJP F . -33.27 4.35 -1.33
C1 EDO G . -18.37 7.37 -2.86
O1 EDO G . -17.45 7.48 -1.77
C2 EDO G . -18.10 6.09 -3.62
O2 EDO G . -18.10 4.96 -2.73
C1 EDO H . -2.91 -2.34 14.91
O1 EDO H . -3.90 -2.55 13.89
C2 EDO H . -2.63 -3.66 15.61
O2 EDO H . -2.53 -4.69 14.63
#